data_4PZC
#
_entry.id   4PZC
#
_cell.length_a   135.427
_cell.length_b   135.427
_cell.length_c   97.166
_cell.angle_alpha   90.00
_cell.angle_beta   90.00
_cell.angle_gamma   120.00
#
_symmetry.space_group_name_H-M   'P 32 2 1'
#
loop_
_entity.id
_entity.type
_entity.pdbx_description
1 polymer '3-Hydroxyacyl-CoA dehydrogenase'
2 water water
#
_entity_poly.entity_id   1
_entity_poly.type   'polypeptide(L)'
_entity_poly.pdbx_seq_one_letter_code
;MSIRTVGIVGAGTMGNGIAQACAVVGLNVVMVDISDAAVQKGVATVASSLDRLIKKEKLTEADKASALARIKGSTSYDDL
KATDIVIEAATENYDLKVKILKQIDGIVGENVIIASNTSSISITKLAAVTSRADRFIGMHFFNPVPVMALVELIRGLQTS
DTTHAAVEALSKQLGKYPITVKNSPGFVVNRILCPMINEAFCVLGEGLASPEEIDEGMKLGCNHPIGPLALADMIGLDTM
LAVMEVLYTEFADPKYRPAMLMREMVAAGYLGRKTGRGVYVYSK
;
_entity_poly.pdbx_strand_id   A,B,C
#
# COMPACT_ATOMS: atom_id res chain seq x y z
N SER A 2 -38.78 -22.56 2.95
CA SER A 2 -38.29 -22.04 1.64
C SER A 2 -37.01 -21.21 1.85
N ILE A 3 -36.50 -20.62 0.77
CA ILE A 3 -35.42 -19.63 0.83
C ILE A 3 -35.84 -18.37 0.08
N ARG A 4 -36.14 -17.29 0.81
CA ARG A 4 -36.36 -15.98 0.18
C ARG A 4 -35.38 -14.89 0.66
N THR A 5 -34.55 -15.21 1.66
CA THR A 5 -33.57 -14.28 2.20
C THR A 5 -32.18 -14.89 2.32
N VAL A 6 -31.23 -14.35 1.55
CA VAL A 6 -29.85 -14.85 1.45
C VAL A 6 -28.80 -13.94 2.11
N GLY A 7 -28.16 -14.48 3.14
CA GLY A 7 -26.99 -13.86 3.73
C GLY A 7 -25.81 -13.84 2.75
N ILE A 8 -25.04 -12.74 2.77
CA ILE A 8 -23.77 -12.66 2.08
C ILE A 8 -22.73 -12.01 2.99
N VAL A 9 -21.63 -12.70 3.24
CA VAL A 9 -20.50 -12.05 3.90
C VAL A 9 -19.50 -11.67 2.83
N GLY A 10 -19.13 -10.39 2.79
CA GLY A 10 -18.23 -9.86 1.78
C GLY A 10 -19.02 -9.06 0.78
N ALA A 11 -18.61 -7.81 0.59
CA ALA A 11 -19.24 -6.91 -0.34
C ALA A 11 -18.29 -6.54 -1.49
N GLY A 12 -17.16 -7.23 -1.62
CA GLY A 12 -16.26 -7.09 -2.77
C GLY A 12 -16.88 -7.65 -4.04
N THR A 13 -16.04 -8.00 -5.00
CA THR A 13 -16.52 -8.26 -6.34
C THR A 13 -17.52 -9.41 -6.43
N MET A 14 -17.16 -10.54 -5.84
CA MET A 14 -18.06 -11.68 -5.78
C MET A 14 -19.30 -11.30 -4.99
N GLY A 15 -19.08 -10.77 -3.79
CA GLY A 15 -20.14 -10.37 -2.88
C GLY A 15 -21.32 -9.71 -3.54
N ASN A 16 -21.14 -8.49 -4.05
CA ASN A 16 -22.23 -7.85 -4.78
C ASN A 16 -22.61 -8.70 -5.97
N GLY A 17 -21.60 -9.27 -6.64
CA GLY A 17 -21.85 -10.22 -7.72
C GLY A 17 -23.03 -11.11 -7.35
N ILE A 18 -22.91 -11.80 -6.21
CA ILE A 18 -23.94 -12.73 -5.78
C ILE A 18 -25.18 -11.95 -5.38
N ALA A 19 -24.95 -10.86 -4.65
CA ALA A 19 -26.05 -10.01 -4.17
C ALA A 19 -26.96 -9.65 -5.33
N GLN A 20 -26.40 -8.90 -6.27
CA GLN A 20 -27.09 -8.53 -7.48
C GLN A 20 -27.90 -9.69 -8.04
N ALA A 21 -27.24 -10.83 -8.20
CA ALA A 21 -27.80 -11.95 -8.95
C ALA A 21 -29.07 -12.47 -8.33
N CYS A 22 -29.10 -12.44 -7.01
CA CYS A 22 -30.30 -12.79 -6.28
C CYS A 22 -31.34 -11.69 -6.47
N ALA A 23 -30.93 -10.45 -6.20
CA ALA A 23 -31.84 -9.30 -6.14
C ALA A 23 -32.72 -9.17 -7.37
N VAL A 24 -32.09 -9.24 -8.55
CA VAL A 24 -32.84 -9.13 -9.80
C VAL A 24 -33.86 -10.26 -9.97
N VAL A 25 -33.60 -11.38 -9.30
CA VAL A 25 -34.55 -12.49 -9.26
C VAL A 25 -35.61 -12.21 -8.17
N GLY A 26 -35.54 -11.03 -7.57
CA GLY A 26 -36.44 -10.64 -6.48
C GLY A 26 -36.15 -11.36 -5.17
N LEU A 27 -34.88 -11.52 -4.83
CA LEU A 27 -34.52 -12.20 -3.60
C LEU A 27 -33.92 -11.25 -2.58
N ASN A 28 -34.26 -11.48 -1.30
CA ASN A 28 -33.86 -10.58 -0.21
C ASN A 28 -32.46 -10.89 0.21
N VAL A 29 -31.60 -9.87 0.20
CA VAL A 29 -30.18 -10.06 0.48
C VAL A 29 -29.71 -9.24 1.66
N VAL A 30 -29.21 -9.90 2.70
CA VAL A 30 -28.49 -9.24 3.78
C VAL A 30 -26.99 -9.30 3.46
N MET A 31 -26.39 -8.16 3.09
CA MET A 31 -24.98 -8.15 2.64
C MET A 31 -24.05 -7.46 3.63
N VAL A 32 -23.31 -8.25 4.39
CA VAL A 32 -22.47 -7.72 5.47
C VAL A 32 -21.05 -7.45 4.97
N ASP A 33 -20.32 -6.59 5.67
CA ASP A 33 -18.86 -6.35 5.41
C ASP A 33 -18.35 -5.41 6.50
N ILE A 34 -17.04 -5.39 6.73
CA ILE A 34 -16.47 -4.76 7.95
C ILE A 34 -16.63 -3.24 8.10
N SER A 35 -16.70 -2.46 7.01
CA SER A 35 -17.00 -1.01 7.12
C SER A 35 -18.31 -0.61 6.43
N ASP A 36 -18.77 0.62 6.70
CA ASP A 36 -19.89 1.20 5.91
C ASP A 36 -19.34 1.65 4.57
N ALA A 37 -18.04 1.96 4.54
CA ALA A 37 -17.31 2.21 3.29
C ALA A 37 -17.41 0.99 2.36
N ALA A 38 -17.22 -0.20 2.94
CA ALA A 38 -17.22 -1.45 2.19
C ALA A 38 -18.60 -1.80 1.64
N VAL A 39 -19.61 -1.74 2.51
CA VAL A 39 -20.97 -2.13 2.15
C VAL A 39 -21.50 -1.28 0.99
N GLN A 40 -21.43 0.04 1.15
CA GLN A 40 -21.98 1.00 0.18
C GLN A 40 -21.24 0.98 -1.15
N LYS A 41 -19.93 0.86 -1.09
CA LYS A 41 -19.15 0.67 -2.31
C LYS A 41 -19.55 -0.62 -3.03
N GLY A 42 -20.01 -1.61 -2.26
CA GLY A 42 -20.62 -2.80 -2.82
C GLY A 42 -21.82 -2.43 -3.66
N VAL A 43 -22.64 -1.52 -3.12
CA VAL A 43 -23.82 -0.98 -3.82
C VAL A 43 -23.45 -0.14 -5.08
N ALA A 44 -22.39 0.66 -4.97
CA ALA A 44 -21.94 1.48 -6.10
C ALA A 44 -21.70 0.67 -7.36
N THR A 45 -21.09 -0.50 -7.21
CA THR A 45 -20.75 -1.34 -8.38
C THR A 45 -22.01 -1.98 -8.96
N VAL A 46 -22.95 -2.35 -8.10
CA VAL A 46 -24.21 -2.92 -8.56
C VAL A 46 -25.09 -1.81 -9.15
N ALA A 47 -25.04 -0.62 -8.54
CA ALA A 47 -25.60 0.56 -9.15
C ALA A 47 -25.01 0.74 -10.55
N SER A 48 -23.73 1.14 -10.61
CA SER A 48 -23.00 1.32 -11.88
C SER A 48 -23.28 0.19 -12.88
N SER A 49 -23.25 -1.04 -12.39
CA SER A 49 -23.53 -2.21 -13.21
C SER A 49 -24.96 -2.24 -13.76
N LEU A 50 -25.93 -1.92 -12.92
CA LEU A 50 -27.34 -1.88 -13.35
C LEU A 50 -27.59 -0.75 -14.33
N ASP A 51 -26.97 0.40 -14.11
CA ASP A 51 -27.01 1.51 -15.06
C ASP A 51 -26.74 0.95 -16.46
N ARG A 52 -25.59 0.31 -16.62
CA ARG A 52 -25.16 -0.26 -17.91
C ARG A 52 -26.23 -1.10 -18.57
N LEU A 53 -26.87 -1.97 -17.78
CA LEU A 53 -27.90 -2.88 -18.29
C LEU A 53 -29.11 -2.16 -18.86
N ILE A 54 -29.61 -1.19 -18.10
CA ILE A 54 -30.71 -0.36 -18.61
C ILE A 54 -30.23 0.32 -19.89
N LYS A 55 -28.97 0.75 -19.92
CA LYS A 55 -28.41 1.41 -21.12
C LYS A 55 -28.20 0.50 -22.35
N LYS A 56 -28.42 -0.82 -22.23
CA LYS A 56 -28.66 -1.65 -23.41
C LYS A 56 -30.00 -2.42 -23.29
N GLU A 57 -31.03 -1.68 -22.89
CA GLU A 57 -32.42 -2.13 -22.90
C GLU A 57 -32.71 -3.39 -22.09
N LYS A 58 -31.83 -3.72 -21.16
CA LYS A 58 -32.11 -4.83 -20.26
C LYS A 58 -32.95 -4.21 -19.14
N LEU A 59 -34.20 -4.65 -19.08
CA LEU A 59 -35.27 -4.09 -18.23
C LEU A 59 -34.78 -3.85 -16.78
N THR A 60 -35.15 -2.76 -16.10
CA THR A 60 -35.72 -1.51 -16.59
C THR A 60 -35.27 -0.55 -15.50
N GLU A 61 -35.81 0.67 -15.47
CA GLU A 61 -35.58 1.54 -14.32
C GLU A 61 -36.37 1.09 -13.09
N ALA A 62 -37.46 0.37 -13.30
CA ALA A 62 -38.32 -0.06 -12.21
C ALA A 62 -37.84 -1.38 -11.60
N ASP A 63 -37.43 -2.31 -12.46
CA ASP A 63 -36.86 -3.57 -11.98
C ASP A 63 -35.56 -3.28 -11.21
N LYS A 64 -34.85 -2.22 -11.62
CA LYS A 64 -33.68 -1.73 -10.88
C LYS A 64 -34.07 -1.33 -9.44
N ALA A 65 -34.52 -0.11 -9.24
CA ALA A 65 -35.11 0.32 -7.98
C ALA A 65 -35.68 -0.85 -7.15
N SER A 66 -36.42 -1.74 -7.83
CA SER A 66 -37.08 -2.90 -7.18
C SER A 66 -36.05 -3.78 -6.49
N ALA A 67 -35.03 -4.14 -7.25
CA ALA A 67 -33.92 -4.94 -6.75
C ALA A 67 -33.23 -4.23 -5.59
N LEU A 68 -32.65 -3.06 -5.87
CA LEU A 68 -31.92 -2.28 -4.85
C LEU A 68 -32.65 -2.34 -3.52
N ALA A 69 -33.93 -2.02 -3.54
CA ALA A 69 -34.78 -2.11 -2.35
C ALA A 69 -34.61 -3.49 -1.68
N ARG A 70 -34.75 -4.53 -2.50
CA ARG A 70 -34.58 -5.91 -2.05
C ARG A 70 -33.26 -6.20 -1.28
N ILE A 71 -32.33 -5.26 -1.27
CA ILE A 71 -30.99 -5.51 -0.71
C ILE A 71 -30.65 -4.74 0.58
N LYS A 72 -30.67 -5.44 1.71
CA LYS A 72 -30.40 -4.83 3.03
C LYS A 72 -28.93 -4.99 3.45
N GLY A 73 -28.08 -4.02 3.13
CA GLY A 73 -26.63 -4.11 3.43
C GLY A 73 -26.24 -3.58 4.81
N SER A 74 -25.72 -4.45 5.68
CA SER A 74 -25.40 -4.12 7.09
C SER A 74 -23.93 -4.32 7.47
N THR A 75 -23.54 -3.89 8.68
CA THR A 75 -22.25 -4.27 9.30
C THR A 75 -22.44 -5.14 10.53
N SER A 76 -23.71 -5.35 10.93
CA SER A 76 -24.03 -6.20 12.06
C SER A 76 -24.19 -7.58 11.48
N TYR A 77 -23.49 -8.53 12.06
CA TYR A 77 -23.47 -9.87 11.53
C TYR A 77 -24.59 -10.66 12.21
N ASP A 78 -25.24 -10.02 13.18
CA ASP A 78 -26.50 -10.51 13.73
C ASP A 78 -27.64 -10.42 12.71
N ASP A 79 -27.50 -9.58 11.68
CA ASP A 79 -28.54 -9.45 10.64
C ASP A 79 -28.73 -10.76 9.86
N LEU A 80 -27.73 -11.62 9.97
CA LEU A 80 -27.76 -12.95 9.37
C LEU A 80 -28.70 -13.93 10.09
N LYS A 81 -29.30 -13.52 11.21
CA LYS A 81 -30.42 -14.27 11.79
C LYS A 81 -31.66 -14.14 10.89
N ALA A 82 -31.82 -12.99 10.23
CA ALA A 82 -32.98 -12.79 9.33
C ALA A 82 -32.90 -13.59 8.02
N THR A 83 -31.95 -14.53 7.91
CA THR A 83 -31.57 -15.09 6.63
C THR A 83 -31.79 -16.59 6.58
N ASP A 84 -32.14 -17.10 5.40
CA ASP A 84 -32.36 -18.53 5.16
C ASP A 84 -31.02 -19.28 5.00
N ILE A 85 -30.02 -18.60 4.47
CA ILE A 85 -28.72 -19.19 4.14
C ILE A 85 -27.66 -18.09 3.97
N VAL A 86 -26.40 -18.43 4.29
CA VAL A 86 -25.31 -17.47 4.24
C VAL A 86 -24.15 -17.92 3.35
N ILE A 87 -23.72 -17.02 2.45
CA ILE A 87 -22.66 -17.28 1.50
C ILE A 87 -21.48 -16.44 1.90
N GLU A 88 -20.46 -17.07 2.46
CA GLU A 88 -19.23 -16.36 2.73
C GLU A 88 -18.54 -16.21 1.40
N ALA A 89 -18.15 -14.98 1.12
CA ALA A 89 -17.64 -14.60 -0.17
C ALA A 89 -16.63 -13.47 0.02
N ALA A 90 -15.85 -13.58 1.09
CA ALA A 90 -15.12 -12.44 1.57
C ALA A 90 -13.64 -12.64 1.55
N THR A 91 -13.18 -13.88 1.76
CA THR A 91 -11.75 -14.15 1.54
C THR A 91 -11.35 -15.59 1.19
N GLU A 92 -10.18 -15.68 0.57
CA GLU A 92 -9.48 -16.93 0.29
C GLU A 92 -8.29 -17.19 1.23
N ASN A 93 -8.09 -16.37 2.27
CA ASN A 93 -7.23 -16.77 3.38
C ASN A 93 -7.91 -17.84 4.22
N TYR A 94 -7.20 -18.93 4.52
CA TYR A 94 -7.81 -20.04 5.21
C TYR A 94 -8.10 -19.72 6.67
N ASP A 95 -7.08 -19.29 7.38
CA ASP A 95 -7.28 -18.96 8.77
C ASP A 95 -8.45 -18.02 8.86
N LEU A 96 -8.41 -16.96 8.07
CA LEU A 96 -9.46 -15.95 8.17
C LEU A 96 -10.82 -16.53 7.73
N LYS A 97 -10.85 -17.20 6.59
CA LYS A 97 -12.04 -17.89 6.14
C LYS A 97 -12.71 -18.64 7.28
N VAL A 98 -11.93 -19.43 8.02
CA VAL A 98 -12.46 -20.23 9.15
C VAL A 98 -13.21 -19.33 10.11
N LYS A 99 -12.46 -18.40 10.74
CA LYS A 99 -13.03 -17.49 11.72
C LYS A 99 -14.42 -17.01 11.31
N ILE A 100 -14.50 -16.44 10.10
CA ILE A 100 -15.77 -15.98 9.57
C ILE A 100 -16.88 -17.03 9.66
N LEU A 101 -16.60 -18.25 9.24
CA LEU A 101 -17.61 -19.30 9.23
C LEU A 101 -18.02 -19.71 10.65
N LYS A 102 -17.06 -19.79 11.56
CA LYS A 102 -17.36 -19.97 12.97
C LYS A 102 -18.29 -18.84 13.44
N GLN A 103 -17.87 -17.60 13.19
CA GLN A 103 -18.67 -16.43 13.52
C GLN A 103 -20.07 -16.60 12.94
N ILE A 104 -20.16 -16.79 11.63
CA ILE A 104 -21.45 -17.03 11.01
C ILE A 104 -22.23 -18.17 11.69
N ASP A 105 -21.54 -19.31 11.89
CA ASP A 105 -22.13 -20.48 12.56
C ASP A 105 -22.66 -20.08 13.94
N GLY A 106 -21.91 -19.21 14.63
CA GLY A 106 -22.33 -18.55 15.88
C GLY A 106 -23.69 -17.85 15.85
N ILE A 107 -23.97 -17.09 14.81
CA ILE A 107 -25.23 -16.34 14.72
C ILE A 107 -26.42 -17.23 14.31
N VAL A 108 -26.39 -17.77 13.11
CA VAL A 108 -27.58 -18.42 12.52
C VAL A 108 -28.05 -19.70 13.19
N GLY A 109 -29.32 -20.04 12.93
CA GLY A 109 -29.98 -21.24 13.47
C GLY A 109 -29.48 -22.56 12.88
N GLU A 110 -29.65 -23.63 13.66
CA GLU A 110 -29.19 -24.99 13.30
C GLU A 110 -29.58 -25.48 11.90
N ASN A 111 -30.75 -25.06 11.42
CA ASN A 111 -31.22 -25.46 10.09
C ASN A 111 -31.00 -24.40 9.01
N VAL A 112 -30.15 -23.40 9.30
CA VAL A 112 -29.75 -22.43 8.28
C VAL A 112 -28.42 -22.90 7.65
N ILE A 113 -28.37 -22.88 6.32
CA ILE A 113 -27.24 -23.38 5.53
C ILE A 113 -26.14 -22.34 5.39
N ILE A 114 -24.91 -22.77 5.60
CA ILE A 114 -23.73 -21.95 5.38
C ILE A 114 -22.99 -22.49 4.17
N ALA A 115 -22.89 -21.67 3.13
CA ALA A 115 -22.12 -22.00 1.94
C ALA A 115 -20.89 -21.11 1.93
N SER A 116 -19.79 -21.60 1.36
CA SER A 116 -18.60 -20.76 1.13
C SER A 116 -18.13 -20.79 -0.31
N ASN A 117 -17.99 -19.62 -0.91
CA ASN A 117 -17.47 -19.50 -2.27
C ASN A 117 -15.93 -19.58 -2.24
N THR A 118 -15.35 -20.38 -3.14
CA THR A 118 -13.88 -20.59 -3.19
C THR A 118 -13.52 -21.31 -4.50
N SER A 119 -12.27 -21.14 -4.94
CA SER A 119 -11.72 -21.88 -6.08
C SER A 119 -10.85 -23.04 -5.64
N SER A 120 -10.24 -22.92 -4.47
CA SER A 120 -9.15 -23.79 -4.09
C SER A 120 -9.33 -24.53 -2.78
N ILE A 121 -10.11 -23.98 -1.86
CA ILE A 121 -10.11 -24.46 -0.47
C ILE A 121 -11.02 -25.70 -0.24
N SER A 122 -10.50 -26.67 0.52
CA SER A 122 -11.24 -27.91 0.76
C SER A 122 -12.56 -27.67 1.52
N ILE A 123 -13.64 -27.80 0.78
CA ILE A 123 -14.99 -27.70 1.34
C ILE A 123 -15.13 -28.60 2.54
N THR A 124 -14.63 -29.83 2.44
CA THR A 124 -14.69 -30.77 3.54
C THR A 124 -13.91 -30.32 4.75
N LYS A 125 -12.75 -29.73 4.53
CA LYS A 125 -11.99 -29.16 5.66
C LYS A 125 -12.75 -27.98 6.29
N LEU A 126 -13.39 -27.15 5.47
CA LEU A 126 -14.19 -26.05 5.99
C LEU A 126 -15.43 -26.51 6.72
N ALA A 127 -16.35 -27.14 6.00
CA ALA A 127 -17.51 -27.79 6.63
C ALA A 127 -17.26 -28.31 8.06
N ALA A 128 -16.13 -28.98 8.28
CA ALA A 128 -15.85 -29.57 9.60
C ALA A 128 -15.57 -28.55 10.72
N VAL A 129 -15.30 -27.28 10.38
CA VAL A 129 -15.23 -26.25 11.45
C VAL A 129 -16.58 -25.74 11.93
N THR A 130 -17.65 -25.92 11.14
CA THR A 130 -18.98 -25.52 11.59
C THR A 130 -19.55 -26.56 12.55
N SER A 131 -20.64 -26.19 13.23
CA SER A 131 -21.31 -27.09 14.18
C SER A 131 -22.28 -28.04 13.50
N ARG A 132 -22.79 -27.68 12.32
CA ARG A 132 -23.55 -28.62 11.49
C ARG A 132 -22.92 -28.64 10.08
N ALA A 133 -21.99 -29.56 9.89
CA ALA A 133 -21.36 -29.79 8.58
C ALA A 133 -22.38 -30.09 7.48
N ASP A 134 -23.37 -30.96 7.77
CA ASP A 134 -24.35 -31.34 6.76
C ASP A 134 -25.11 -30.16 6.16
N ARG A 135 -25.11 -29.06 6.90
CA ARG A 135 -25.70 -27.83 6.39
C ARG A 135 -24.65 -26.93 5.71
N PHE A 136 -23.44 -27.45 5.49
CA PHE A 136 -22.40 -26.68 4.83
C PHE A 136 -22.16 -27.19 3.43
N ILE A 137 -22.04 -26.28 2.48
CA ILE A 137 -21.82 -26.63 1.09
C ILE A 137 -20.87 -25.61 0.47
N GLY A 138 -20.22 -25.97 -0.64
CA GLY A 138 -19.30 -25.06 -1.35
C GLY A 138 -19.91 -24.55 -2.64
N MET A 139 -19.59 -23.31 -2.99
CA MET A 139 -19.95 -22.78 -4.31
C MET A 139 -18.77 -22.09 -4.96
N HIS A 140 -18.74 -22.12 -6.28
CA HIS A 140 -17.72 -21.41 -7.01
C HIS A 140 -18.48 -20.70 -8.12
N PHE A 141 -18.69 -19.40 -7.91
CA PHE A 141 -19.27 -18.51 -8.92
C PHE A 141 -18.19 -18.01 -9.83
N PHE A 142 -18.58 -17.47 -10.99
CA PHE A 142 -17.57 -17.07 -11.99
C PHE A 142 -17.45 -15.59 -12.34
N ASN A 143 -16.20 -15.24 -12.60
CA ASN A 143 -15.58 -13.95 -12.23
C ASN A 143 -16.36 -12.67 -12.47
N PRO A 144 -17.13 -12.59 -13.58
CA PRO A 144 -18.24 -11.62 -13.76
C PRO A 144 -19.59 -12.24 -13.35
N VAL A 145 -19.92 -12.14 -12.06
CA VAL A 145 -20.85 -13.08 -11.45
C VAL A 145 -22.31 -12.96 -11.88
N PRO A 146 -22.72 -11.78 -12.37
CA PRO A 146 -24.10 -11.69 -12.87
C PRO A 146 -24.31 -12.35 -14.25
N VAL A 147 -23.45 -12.07 -15.21
CA VAL A 147 -23.68 -12.57 -16.57
C VAL A 147 -23.30 -14.04 -16.71
N MET A 148 -22.22 -14.45 -16.06
CA MET A 148 -21.78 -15.86 -16.07
C MET A 148 -22.88 -16.77 -15.52
N ALA A 149 -23.34 -17.70 -16.33
CA ALA A 149 -24.51 -18.48 -15.98
C ALA A 149 -24.14 -19.84 -15.41
N LEU A 150 -23.19 -19.91 -14.49
CA LEU A 150 -22.92 -21.17 -13.80
C LEU A 150 -22.17 -21.09 -12.48
N VAL A 151 -22.36 -22.15 -11.71
CA VAL A 151 -21.72 -22.29 -10.42
C VAL A 151 -21.33 -23.76 -10.22
N GLU A 152 -20.18 -23.96 -9.58
CA GLU A 152 -19.82 -25.28 -9.18
C GLU A 152 -20.39 -25.41 -7.79
N LEU A 153 -21.15 -26.49 -7.57
CA LEU A 153 -21.72 -26.81 -6.29
C LEU A 153 -20.87 -27.91 -5.78
N ILE A 154 -20.21 -27.67 -4.66
CA ILE A 154 -19.20 -28.59 -4.23
C ILE A 154 -19.55 -29.19 -2.88
N ARG A 155 -19.75 -30.48 -2.88
CA ARG A 155 -20.19 -31.14 -1.70
C ARG A 155 -18.98 -31.49 -0.95
N GLY A 156 -18.93 -31.03 0.29
CA GLY A 156 -18.06 -31.65 1.25
C GLY A 156 -18.52 -33.10 1.39
N LEU A 157 -17.63 -33.90 1.91
CA LEU A 157 -17.94 -35.25 2.36
C LEU A 157 -19.16 -35.29 3.30
N GLN A 158 -19.50 -34.15 3.93
CA GLN A 158 -20.56 -34.08 4.94
C GLN A 158 -21.86 -33.51 4.43
N THR A 159 -21.78 -32.61 3.44
CA THR A 159 -22.96 -31.95 2.93
C THR A 159 -24.07 -32.98 2.80
N SER A 160 -25.29 -32.65 3.23
CA SER A 160 -26.44 -33.57 3.14
C SER A 160 -27.05 -33.50 1.78
N ASP A 161 -27.81 -34.52 1.43
CA ASP A 161 -28.59 -34.48 0.19
C ASP A 161 -29.55 -33.28 0.18
N THR A 162 -30.14 -33.03 1.34
CA THR A 162 -31.09 -31.95 1.51
C THR A 162 -30.46 -30.58 1.28
N THR A 163 -29.28 -30.36 1.88
CA THR A 163 -28.54 -29.10 1.76
C THR A 163 -28.22 -28.91 0.31
N HIS A 164 -27.87 -30.02 -0.33
CA HIS A 164 -27.51 -29.97 -1.72
C HIS A 164 -28.66 -29.49 -2.59
N ALA A 165 -29.83 -30.12 -2.48
CA ALA A 165 -30.97 -29.79 -3.37
C ALA A 165 -31.45 -28.35 -3.19
N ALA A 166 -31.48 -27.92 -1.93
CA ALA A 166 -31.80 -26.54 -1.56
C ALA A 166 -30.94 -25.61 -2.35
N VAL A 167 -29.63 -25.81 -2.20
CA VAL A 167 -28.65 -24.95 -2.83
C VAL A 167 -28.64 -25.14 -4.34
N GLU A 168 -28.91 -26.36 -4.79
CA GLU A 168 -29.05 -26.65 -6.21
C GLU A 168 -30.17 -25.82 -6.84
N ALA A 169 -31.34 -25.87 -6.22
CA ALA A 169 -32.50 -25.13 -6.74
C ALA A 169 -32.33 -23.60 -6.57
N LEU A 170 -31.68 -23.21 -5.47
CA LEU A 170 -31.38 -21.81 -5.23
C LEU A 170 -30.65 -21.23 -6.44
N SER A 171 -29.77 -22.03 -7.03
CA SER A 171 -28.97 -21.60 -8.15
C SER A 171 -29.76 -21.54 -9.41
N LYS A 172 -30.59 -22.56 -9.65
CA LYS A 172 -31.45 -22.57 -10.83
C LYS A 172 -32.26 -21.29 -10.78
N GLN A 173 -32.79 -20.96 -9.60
CA GLN A 173 -33.57 -19.73 -9.46
C GLN A 173 -32.78 -18.46 -9.78
N LEU A 174 -31.48 -18.46 -9.53
CA LEU A 174 -30.62 -17.35 -9.98
C LEU A 174 -30.33 -17.34 -11.50
N GLY A 175 -30.78 -18.36 -12.24
CA GLY A 175 -30.50 -18.47 -13.66
C GLY A 175 -29.10 -18.95 -14.01
N LYS A 176 -28.35 -19.44 -13.02
CA LYS A 176 -27.05 -20.08 -13.25
C LYS A 176 -27.26 -21.58 -13.45
N TYR A 177 -26.38 -22.22 -14.22
CA TYR A 177 -26.35 -23.68 -14.23
C TYR A 177 -25.51 -24.24 -13.08
N PRO A 178 -26.13 -25.04 -12.21
CA PRO A 178 -25.40 -25.74 -11.16
C PRO A 178 -24.53 -26.82 -11.74
N ILE A 179 -23.40 -27.06 -11.10
CA ILE A 179 -22.52 -28.16 -11.45
C ILE A 179 -22.11 -28.85 -10.16
N THR A 180 -22.63 -30.04 -9.93
CA THR A 180 -22.35 -30.75 -8.69
C THR A 180 -21.04 -31.54 -8.79
N VAL A 181 -20.26 -31.45 -7.72
CA VAL A 181 -18.88 -31.86 -7.74
C VAL A 181 -18.55 -32.36 -6.37
N LYS A 182 -18.02 -33.58 -6.27
CA LYS A 182 -17.47 -34.00 -5.01
C LYS A 182 -16.23 -33.17 -4.78
N ASN A 183 -16.12 -32.55 -3.61
CA ASN A 183 -14.91 -31.87 -3.21
C ASN A 183 -13.62 -32.62 -3.60
N SER A 184 -12.77 -31.89 -4.35
CA SER A 184 -11.50 -32.39 -4.89
C SER A 184 -10.70 -31.21 -5.43
N PRO A 185 -9.36 -31.31 -5.36
CA PRO A 185 -8.59 -30.18 -5.79
C PRO A 185 -9.03 -29.66 -7.19
N GLY A 186 -9.24 -28.33 -7.32
CA GLY A 186 -9.72 -27.73 -8.55
C GLY A 186 -11.12 -28.14 -9.01
N PHE A 187 -11.81 -28.94 -8.24
CA PHE A 187 -13.18 -29.25 -8.58
C PHE A 187 -13.21 -29.70 -10.05
N VAL A 188 -14.05 -29.10 -10.87
CA VAL A 188 -14.16 -29.55 -12.23
C VAL A 188 -13.48 -28.55 -13.15
N VAL A 189 -13.92 -27.29 -13.12
CA VAL A 189 -13.46 -26.36 -14.15
C VAL A 189 -11.98 -26.16 -14.14
N ASN A 190 -11.44 -25.70 -13.02
CA ASN A 190 -10.00 -25.39 -12.97
C ASN A 190 -9.20 -26.66 -13.11
N ARG A 191 -9.70 -27.75 -12.53
CA ARG A 191 -9.03 -29.04 -12.60
C ARG A 191 -8.66 -29.45 -13.99
N ILE A 192 -9.53 -29.26 -14.95
CA ILE A 192 -9.08 -29.59 -16.29
C ILE A 192 -8.57 -28.39 -17.10
N LEU A 193 -9.20 -27.23 -16.96
CA LEU A 193 -8.68 -26.06 -17.63
C LEU A 193 -7.23 -25.81 -17.23
N CYS A 194 -6.96 -25.63 -15.95
CA CYS A 194 -5.68 -25.01 -15.61
C CYS A 194 -4.47 -25.84 -16.01
N PRO A 195 -4.56 -27.18 -15.90
CA PRO A 195 -3.37 -27.95 -16.35
C PRO A 195 -3.12 -27.84 -17.83
N MET A 196 -4.20 -27.56 -18.58
CA MET A 196 -4.07 -27.30 -20.01
C MET A 196 -3.24 -26.04 -20.21
N ILE A 197 -3.56 -24.99 -19.44
CA ILE A 197 -2.81 -23.75 -19.49
C ILE A 197 -1.34 -24.01 -19.17
N ASN A 198 -1.10 -24.69 -18.06
CA ASN A 198 0.23 -25.21 -17.78
C ASN A 198 0.95 -25.90 -18.95
N GLU A 199 0.24 -26.80 -19.65
CA GLU A 199 0.90 -27.49 -20.76
C GLU A 199 1.39 -26.49 -21.77
N ALA A 200 0.60 -25.45 -22.02
CA ALA A 200 1.00 -24.38 -22.90
C ALA A 200 2.33 -23.81 -22.45
N PHE A 201 2.46 -23.49 -21.17
CA PHE A 201 3.72 -22.91 -20.71
C PHE A 201 4.86 -23.90 -20.97
N CYS A 202 4.60 -25.19 -20.80
CA CYS A 202 5.63 -26.18 -21.10
C CYS A 202 6.07 -26.13 -22.55
N VAL A 203 5.11 -26.09 -23.45
CA VAL A 203 5.39 -26.06 -24.89
C VAL A 203 6.23 -24.84 -25.17
N LEU A 204 5.79 -23.69 -24.67
CA LEU A 204 6.51 -22.44 -24.86
C LEU A 204 7.88 -22.57 -24.21
N GLY A 205 7.88 -23.06 -22.99
CA GLY A 205 9.12 -23.28 -22.27
C GLY A 205 10.15 -24.08 -23.01
N GLU A 206 9.70 -25.07 -23.80
CA GLU A 206 10.65 -25.96 -24.52
C GLU A 206 11.00 -25.35 -25.88
N GLY A 207 10.62 -24.07 -26.05
CA GLY A 207 10.75 -23.36 -27.30
C GLY A 207 10.27 -24.08 -28.55
N LEU A 208 9.13 -24.74 -28.49
CA LEU A 208 8.68 -25.50 -29.65
C LEU A 208 8.03 -24.59 -30.62
N ALA A 209 7.44 -23.53 -30.08
CA ALA A 209 6.73 -22.57 -30.86
C ALA A 209 6.72 -21.22 -30.14
N SER A 210 6.30 -20.20 -30.87
CA SER A 210 6.17 -18.88 -30.28
C SER A 210 4.80 -18.81 -29.58
N PRO A 211 4.72 -17.95 -28.58
CA PRO A 211 3.50 -17.78 -27.84
C PRO A 211 2.33 -17.44 -28.78
N GLU A 212 2.45 -16.36 -29.54
CA GLU A 212 1.36 -15.92 -30.42
C GLU A 212 0.88 -17.10 -31.23
N GLU A 213 1.82 -17.81 -31.81
CA GLU A 213 1.51 -19.00 -32.61
C GLU A 213 0.84 -20.09 -31.76
N ILE A 214 1.30 -20.26 -30.53
CA ILE A 214 0.70 -21.23 -29.65
C ILE A 214 -0.79 -20.88 -29.43
N ASP A 215 -1.05 -19.59 -29.20
CA ASP A 215 -2.43 -19.11 -28.99
C ASP A 215 -3.25 -19.27 -30.28
N GLU A 216 -2.63 -18.96 -31.41
CA GLU A 216 -3.29 -19.09 -32.69
C GLU A 216 -3.77 -20.52 -32.86
N GLY A 217 -2.81 -21.43 -32.72
CA GLY A 217 -3.06 -22.85 -32.87
C GLY A 217 -4.32 -23.33 -32.16
N MET A 218 -4.57 -22.78 -30.97
CA MET A 218 -5.64 -23.28 -30.13
C MET A 218 -6.94 -22.56 -30.39
N LYS A 219 -6.84 -21.27 -30.73
CA LYS A 219 -8.00 -20.46 -31.10
C LYS A 219 -8.64 -21.12 -32.31
N LEU A 220 -7.86 -21.19 -33.38
CA LEU A 220 -8.31 -21.67 -34.67
C LEU A 220 -8.52 -23.18 -34.76
N GLY A 221 -7.63 -23.92 -34.12
CA GLY A 221 -7.68 -25.36 -34.20
C GLY A 221 -8.80 -25.97 -33.41
N CYS A 222 -9.08 -25.40 -32.25
CA CYS A 222 -10.09 -25.95 -31.36
C CYS A 222 -11.16 -24.94 -31.05
N ASN A 223 -11.10 -23.78 -31.71
CA ASN A 223 -12.19 -22.84 -31.68
C ASN A 223 -12.44 -22.33 -30.27
N HIS A 224 -11.36 -22.11 -29.52
CA HIS A 224 -11.47 -21.53 -28.20
C HIS A 224 -11.46 -20.02 -28.38
N PRO A 225 -12.31 -19.29 -27.65
CA PRO A 225 -12.45 -17.86 -27.81
C PRO A 225 -11.16 -17.11 -27.59
N ILE A 226 -10.29 -17.65 -26.74
CA ILE A 226 -9.02 -17.03 -26.38
C ILE A 226 -8.00 -18.13 -26.18
N GLY A 227 -6.75 -17.84 -26.53
CA GLY A 227 -5.68 -18.78 -26.32
C GLY A 227 -5.20 -18.74 -24.88
N PRO A 228 -4.66 -19.88 -24.39
CA PRO A 228 -4.30 -20.10 -22.99
C PRO A 228 -3.22 -19.17 -22.47
N LEU A 229 -2.26 -18.78 -23.29
CA LEU A 229 -1.23 -17.88 -22.79
C LEU A 229 -1.81 -16.50 -22.49
N ALA A 230 -2.50 -15.96 -23.48
CA ALA A 230 -3.32 -14.75 -23.29
C ALA A 230 -4.26 -14.92 -22.09
N LEU A 231 -4.91 -16.07 -22.05
CA LEU A 231 -5.83 -16.38 -20.97
C LEU A 231 -5.14 -16.30 -19.63
N ALA A 232 -3.91 -16.83 -19.59
CA ALA A 232 -3.15 -16.86 -18.36
C ALA A 232 -2.82 -15.45 -17.89
N ASP A 233 -2.56 -14.55 -18.86
CA ASP A 233 -2.21 -13.16 -18.57
C ASP A 233 -3.37 -12.41 -17.90
N MET A 234 -4.60 -12.80 -18.25
CA MET A 234 -5.82 -12.23 -17.64
C MET A 234 -6.13 -12.81 -16.28
N ILE A 235 -5.96 -14.11 -16.12
CA ILE A 235 -6.14 -14.71 -14.82
C ILE A 235 -5.11 -14.22 -13.81
N GLY A 236 -3.86 -14.11 -14.24
CA GLY A 236 -2.74 -13.79 -13.33
C GLY A 236 -1.91 -15.03 -13.17
N LEU A 237 -0.61 -14.92 -13.42
CA LEU A 237 0.26 -16.11 -13.42
C LEU A 237 0.54 -16.60 -12.00
N ASP A 238 0.63 -15.65 -11.10
CA ASP A 238 0.68 -15.96 -9.68
C ASP A 238 -0.54 -16.81 -9.25
N THR A 239 -1.72 -16.50 -9.77
CA THR A 239 -2.93 -17.26 -9.56
C THR A 239 -2.87 -18.63 -10.21
N MET A 240 -2.45 -18.63 -11.48
CA MET A 240 -2.20 -19.89 -12.17
C MET A 240 -1.19 -20.78 -11.45
N LEU A 241 -0.10 -20.19 -10.99
CA LEU A 241 0.95 -20.96 -10.33
C LEU A 241 0.42 -21.61 -9.05
N ALA A 242 -0.34 -20.84 -8.28
CA ALA A 242 -0.85 -21.35 -7.03
C ALA A 242 -1.86 -22.50 -7.27
N VAL A 243 -2.68 -22.38 -8.31
CA VAL A 243 -3.64 -23.42 -8.64
C VAL A 243 -2.93 -24.73 -8.89
N MET A 244 -1.91 -24.63 -9.74
CA MET A 244 -1.08 -25.78 -10.01
C MET A 244 -0.36 -26.21 -8.76
N GLU A 245 0.07 -25.27 -7.90
CA GLU A 245 0.81 -25.70 -6.71
C GLU A 245 -0.16 -26.50 -5.86
N VAL A 246 -1.41 -26.11 -5.88
CA VAL A 246 -2.45 -26.83 -5.13
C VAL A 246 -2.69 -28.24 -5.66
N LEU A 247 -2.78 -28.34 -6.98
CA LEU A 247 -2.99 -29.65 -7.56
C LEU A 247 -1.84 -30.61 -7.22
N TYR A 248 -0.58 -30.19 -7.45
CA TYR A 248 0.61 -31.01 -7.09
C TYR A 248 0.64 -31.35 -5.59
N THR A 249 0.30 -30.39 -4.78
CA THR A 249 0.42 -30.56 -3.36
C THR A 249 -0.71 -31.41 -2.81
N GLU A 250 -1.94 -31.18 -3.26
CA GLU A 250 -3.12 -31.92 -2.73
C GLU A 250 -3.16 -33.33 -3.30
N PHE A 251 -2.97 -33.48 -4.62
CA PHE A 251 -2.85 -34.82 -5.24
C PHE A 251 -1.57 -35.56 -4.94
N ALA A 252 -0.53 -34.80 -4.55
CA ALA A 252 0.80 -35.34 -4.29
C ALA A 252 1.31 -36.10 -5.49
N ASP A 253 1.22 -35.46 -6.67
CA ASP A 253 1.49 -36.12 -7.96
C ASP A 253 2.14 -35.15 -8.98
N PRO A 254 3.43 -35.41 -9.35
CA PRO A 254 4.16 -34.58 -10.32
C PRO A 254 3.50 -34.45 -11.66
N LYS A 255 2.51 -35.27 -11.94
CA LYS A 255 1.72 -35.08 -13.15
C LYS A 255 1.35 -33.62 -13.27
N TYR A 256 1.10 -32.99 -12.14
CA TYR A 256 0.67 -31.59 -12.08
C TYR A 256 1.78 -30.57 -11.74
N ARG A 257 3.06 -30.98 -11.79
CA ARG A 257 4.22 -30.06 -11.78
C ARG A 257 3.91 -28.73 -12.41
N PRO A 258 4.09 -27.63 -11.70
CA PRO A 258 4.07 -26.36 -12.45
C PRO A 258 5.11 -26.26 -13.57
N ALA A 259 4.72 -25.59 -14.65
CA ALA A 259 5.64 -25.30 -15.78
C ALA A 259 6.72 -24.34 -15.32
N MET A 260 7.98 -24.71 -15.54
CA MET A 260 9.10 -23.94 -15.03
C MET A 260 9.09 -22.48 -15.52
N LEU A 261 8.78 -22.28 -16.80
CA LEU A 261 8.68 -20.92 -17.33
C LEU A 261 7.61 -20.18 -16.56
N MET A 262 6.51 -20.85 -16.23
CA MET A 262 5.50 -20.20 -15.38
C MET A 262 6.09 -19.82 -14.03
N ARG A 263 6.96 -20.65 -13.45
CA ARG A 263 7.65 -20.27 -12.22
C ARG A 263 8.58 -19.09 -12.39
N GLU A 264 9.26 -19.04 -13.50
CA GLU A 264 10.22 -17.99 -13.75
C GLU A 264 9.51 -16.64 -13.95
N MET A 265 8.45 -16.66 -14.72
CA MET A 265 7.72 -15.44 -14.94
C MET A 265 7.17 -14.92 -13.62
N VAL A 266 6.62 -15.81 -12.81
CA VAL A 266 6.12 -15.40 -11.51
C VAL A 266 7.20 -14.87 -10.56
N ALA A 267 8.28 -15.61 -10.36
CA ALA A 267 9.43 -15.10 -9.58
C ALA A 267 9.91 -13.74 -10.05
N ALA A 268 9.75 -13.44 -11.35
CA ALA A 268 10.27 -12.18 -11.89
C ALA A 268 9.32 -11.05 -11.67
N GLY A 269 8.07 -11.36 -11.38
CA GLY A 269 7.05 -10.33 -11.17
C GLY A 269 6.27 -10.10 -12.44
N TYR A 270 6.55 -10.92 -13.44
CA TYR A 270 5.82 -10.85 -14.68
C TYR A 270 4.55 -11.69 -14.48
N LEU A 271 3.47 -11.02 -14.11
CA LEU A 271 2.24 -11.67 -13.66
C LEU A 271 1.06 -11.50 -14.62
N GLY A 272 1.26 -10.80 -15.73
CA GLY A 272 0.19 -10.58 -16.71
C GLY A 272 -0.35 -9.16 -16.81
N ARG A 273 -1.61 -9.08 -17.25
CA ARG A 273 -2.30 -7.82 -17.43
C ARG A 273 -2.14 -6.96 -16.20
N LYS A 274 -2.21 -7.58 -15.04
CA LYS A 274 -2.18 -6.82 -13.80
C LYS A 274 -0.84 -6.19 -13.42
N THR A 275 0.29 -6.78 -13.83
CA THR A 275 1.58 -6.09 -13.68
C THR A 275 2.01 -5.40 -14.97
N GLY A 276 1.14 -5.44 -15.99
CA GLY A 276 1.48 -4.94 -17.33
C GLY A 276 2.36 -5.86 -18.17
N ARG A 277 2.87 -6.93 -17.55
CA ARG A 277 3.71 -7.90 -18.25
C ARG A 277 3.53 -9.29 -17.68
N GLY A 278 3.25 -10.23 -18.57
CA GLY A 278 3.21 -11.63 -18.24
C GLY A 278 3.87 -12.37 -19.38
N VAL A 279 3.06 -13.00 -20.22
CA VAL A 279 3.59 -13.69 -21.40
C VAL A 279 3.76 -12.62 -22.48
N TYR A 280 2.75 -11.79 -22.63
CA TYR A 280 2.85 -10.68 -23.54
C TYR A 280 3.15 -9.45 -22.70
N VAL A 281 3.28 -8.32 -23.39
CA VAL A 281 3.49 -7.03 -22.73
C VAL A 281 2.29 -6.14 -23.04
N TYR A 282 1.88 -5.29 -22.06
CA TYR A 282 0.60 -4.58 -22.12
C TYR A 282 0.69 -3.10 -21.79
N SER A 283 -0.18 -2.33 -22.46
CA SER A 283 -0.21 -0.86 -22.38
C SER A 283 0.01 -0.28 -20.99
N LYS A 284 -0.99 -0.43 -20.13
CA LYS A 284 -1.16 0.32 -18.88
C LYS A 284 -2.01 1.58 -19.14
N SER B 2 -17.34 14.52 -24.39
CA SER B 2 -16.90 15.73 -23.62
C SER B 2 -15.64 16.31 -24.23
N ILE B 3 -14.54 15.58 -24.08
CA ILE B 3 -13.21 16.08 -24.42
C ILE B 3 -12.51 15.16 -25.40
N ARG B 4 -12.23 15.69 -26.58
CA ARG B 4 -11.43 14.98 -27.57
C ARG B 4 -10.06 15.66 -27.77
N THR B 5 -9.93 16.92 -27.35
CA THR B 5 -8.80 17.79 -27.71
C THR B 5 -8.23 18.56 -26.50
N VAL B 6 -6.91 18.47 -26.32
CA VAL B 6 -6.27 18.96 -25.12
C VAL B 6 -5.17 19.95 -25.44
N GLY B 7 -5.50 21.24 -25.32
CA GLY B 7 -4.50 22.31 -25.37
C GLY B 7 -3.55 22.19 -24.19
N ILE B 8 -2.26 22.43 -24.43
CA ILE B 8 -1.21 22.23 -23.41
C ILE B 8 -0.11 23.27 -23.55
N VAL B 9 -0.37 24.46 -23.02
CA VAL B 9 0.65 25.52 -22.97
C VAL B 9 1.82 25.11 -22.06
N GLY B 10 3.03 25.51 -22.42
CA GLY B 10 4.23 25.01 -21.74
C GLY B 10 4.68 23.71 -22.40
N ALA B 11 5.98 23.56 -22.60
CA ALA B 11 6.56 22.43 -23.37
C ALA B 11 7.94 21.92 -22.91
N GLY B 12 8.40 22.34 -21.72
CA GLY B 12 9.58 21.76 -21.08
C GLY B 12 9.22 20.40 -20.51
N THR B 13 10.09 19.83 -19.67
CA THR B 13 9.91 18.46 -19.22
C THR B 13 8.43 18.03 -19.12
N MET B 14 7.59 18.97 -18.69
CA MET B 14 6.22 18.64 -18.34
C MET B 14 5.32 18.59 -19.57
N GLY B 15 4.97 19.76 -20.13
CA GLY B 15 3.92 19.91 -21.16
C GLY B 15 3.88 18.79 -22.19
N ASN B 16 5.07 18.33 -22.58
CA ASN B 16 5.20 17.13 -23.44
C ASN B 16 4.98 15.83 -22.68
N GLY B 17 5.50 15.76 -21.44
CA GLY B 17 5.21 14.62 -20.58
C GLY B 17 3.72 14.41 -20.61
N ILE B 18 3.00 15.51 -20.43
CA ILE B 18 1.53 15.50 -20.44
C ILE B 18 0.96 15.13 -21.82
N ALA B 19 1.56 15.74 -22.85
CA ALA B 19 1.14 15.58 -24.22
C ALA B 19 1.37 14.15 -24.65
N GLN B 20 2.57 13.63 -24.37
CA GLN B 20 2.88 12.21 -24.50
C GLN B 20 1.69 11.40 -24.00
N ALA B 21 1.47 11.46 -22.67
CA ALA B 21 0.41 10.73 -22.03
C ALA B 21 -0.94 10.94 -22.73
N CYS B 22 -1.33 12.21 -22.91
CA CYS B 22 -2.59 12.54 -23.66
C CYS B 22 -2.71 11.77 -24.97
N ALA B 23 -1.62 11.80 -25.74
CA ALA B 23 -1.58 11.28 -27.07
C ALA B 23 -1.53 9.77 -27.03
N VAL B 24 -0.65 9.21 -26.19
CA VAL B 24 -0.44 7.76 -26.13
C VAL B 24 -1.78 7.02 -26.00
N VAL B 25 -2.77 7.66 -25.40
CA VAL B 25 -4.13 7.08 -25.36
C VAL B 25 -5.12 7.83 -26.28
N GLY B 26 -4.61 8.36 -27.40
CA GLY B 26 -5.44 9.00 -28.44
C GLY B 26 -6.26 10.24 -28.09
N LEU B 27 -5.61 11.30 -27.65
CA LEU B 27 -6.25 12.61 -27.57
C LEU B 27 -5.41 13.64 -28.29
N ASN B 28 -6.11 14.61 -28.87
CA ASN B 28 -5.48 15.62 -29.69
C ASN B 28 -4.82 16.66 -28.84
N VAL B 29 -3.51 16.71 -28.95
CA VAL B 29 -2.69 17.59 -28.14
C VAL B 29 -2.21 18.81 -28.93
N VAL B 30 -2.94 19.92 -28.79
CA VAL B 30 -2.56 21.19 -29.45
C VAL B 30 -1.44 21.89 -28.66
N MET B 31 -0.32 21.21 -28.43
CA MET B 31 0.74 21.78 -27.62
C MET B 31 1.32 23.06 -28.19
N VAL B 32 1.23 24.16 -27.43
CA VAL B 32 1.67 25.50 -27.83
C VAL B 32 2.99 25.84 -27.10
N ASP B 33 3.65 26.93 -27.49
CA ASP B 33 4.81 27.44 -26.77
C ASP B 33 5.15 28.84 -27.31
N ILE B 34 6.23 29.43 -26.77
CA ILE B 34 6.77 30.71 -27.26
C ILE B 34 7.28 30.61 -28.70
N SER B 35 8.22 29.70 -28.93
CA SER B 35 8.97 29.64 -30.18
C SER B 35 8.45 28.52 -31.12
N ASP B 36 9.12 28.35 -32.25
CA ASP B 36 9.09 27.10 -33.02
C ASP B 36 10.23 26.17 -32.53
N ALA B 37 11.33 26.80 -32.08
CA ALA B 37 12.55 26.11 -31.61
C ALA B 37 12.30 25.09 -30.50
N ALA B 38 11.60 25.52 -29.46
CA ALA B 38 11.28 24.66 -28.31
C ALA B 38 10.28 23.55 -28.69
N VAL B 39 9.18 23.94 -29.34
CA VAL B 39 8.10 23.02 -29.75
C VAL B 39 8.64 21.71 -30.35
N GLN B 40 9.71 21.80 -31.17
CA GLN B 40 10.33 20.60 -31.79
C GLN B 40 11.20 19.81 -30.80
N LYS B 41 12.16 20.46 -30.14
CA LYS B 41 13.02 19.78 -29.16
C LYS B 41 12.19 19.24 -27.99
N GLY B 42 10.96 19.74 -27.89
CA GLY B 42 9.90 19.17 -27.05
C GLY B 42 9.27 17.94 -27.67
N VAL B 43 8.62 18.11 -28.83
CA VAL B 43 8.08 16.96 -29.61
C VAL B 43 9.19 15.92 -29.81
N ALA B 44 10.43 16.37 -29.61
CA ALA B 44 11.59 15.47 -29.61
C ALA B 44 11.61 14.52 -28.41
N THR B 45 11.47 15.08 -27.22
CA THR B 45 11.66 14.31 -25.97
C THR B 45 10.58 13.26 -25.80
N VAL B 46 9.38 13.57 -26.33
CA VAL B 46 8.32 12.57 -26.55
C VAL B 46 8.89 11.41 -27.36
N ALA B 47 9.35 11.71 -28.57
CA ALA B 47 9.92 10.70 -29.48
C ALA B 47 11.12 10.01 -28.86
N SER B 48 11.95 10.77 -28.13
CA SER B 48 13.10 10.24 -27.39
C SER B 48 12.62 9.20 -26.41
N SER B 49 11.48 9.49 -25.77
CA SER B 49 10.83 8.54 -24.86
C SER B 49 10.11 7.42 -25.62
N LEU B 50 9.19 7.79 -26.51
CA LEU B 50 8.42 6.78 -27.22
C LEU B 50 9.33 5.63 -27.64
N ASP B 51 10.50 5.95 -28.19
CA ASP B 51 11.47 4.91 -28.62
C ASP B 51 12.04 4.08 -27.45
N ARG B 52 12.13 4.65 -26.26
CA ARG B 52 12.52 3.87 -25.08
C ARG B 52 11.40 2.88 -24.64
N LEU B 53 10.16 3.16 -25.02
CA LEU B 53 9.01 2.30 -24.69
C LEU B 53 8.74 1.18 -25.72
N ILE B 54 8.99 1.46 -26.99
CA ILE B 54 8.84 0.45 -28.05
C ILE B 54 9.89 -0.65 -27.85
N LYS B 55 11.08 -0.23 -27.42
CA LYS B 55 12.16 -1.13 -27.00
C LYS B 55 11.74 -2.07 -25.88
N LYS B 56 11.08 -1.54 -24.85
CA LYS B 56 10.60 -2.37 -23.75
C LYS B 56 9.41 -3.21 -24.18
N GLU B 57 8.82 -2.84 -25.32
CA GLU B 57 7.78 -3.58 -26.03
C GLU B 57 6.40 -3.14 -25.59
N LYS B 58 6.35 -2.18 -24.66
CA LYS B 58 5.09 -1.52 -24.28
C LYS B 58 4.39 -0.87 -25.49
N LEU B 59 5.16 -0.59 -26.55
CA LEU B 59 4.67 0.10 -27.72
C LEU B 59 5.24 -0.45 -29.05
N THR B 60 4.44 -0.30 -30.10
CA THR B 60 4.86 -0.59 -31.47
C THR B 60 5.31 0.72 -32.14
N GLU B 61 5.98 0.61 -33.29
CA GLU B 61 6.33 1.80 -34.04
C GLU B 61 5.07 2.32 -34.72
N ALA B 62 4.16 1.39 -35.07
CA ALA B 62 2.83 1.72 -35.60
C ALA B 62 2.03 2.68 -34.71
N ASP B 63 2.22 2.57 -33.40
CA ASP B 63 1.57 3.44 -32.41
C ASP B 63 2.33 4.76 -32.21
N LYS B 64 3.65 4.68 -32.08
CA LYS B 64 4.49 5.86 -31.90
C LYS B 64 3.99 7.04 -32.71
N ALA B 65 3.75 6.74 -33.98
CA ALA B 65 3.22 7.68 -34.93
C ALA B 65 1.76 8.08 -34.63
N SER B 66 0.89 7.08 -34.43
CA SER B 66 -0.54 7.32 -34.09
C SER B 66 -0.74 8.43 -33.06
N ALA B 67 0.19 8.52 -32.11
CA ALA B 67 0.14 9.51 -31.03
C ALA B 67 0.90 10.77 -31.42
N LEU B 68 2.06 10.62 -32.04
CA LEU B 68 2.75 11.77 -32.66
C LEU B 68 1.84 12.50 -33.64
N ALA B 69 0.98 11.73 -34.32
CA ALA B 69 -0.09 12.26 -35.16
C ALA B 69 -0.94 13.22 -34.38
N ARG B 70 -1.43 12.77 -33.23
CA ARG B 70 -2.31 13.60 -32.39
C ARG B 70 -1.65 14.92 -31.96
N ILE B 71 -0.34 14.91 -31.73
CA ILE B 71 0.33 16.09 -31.19
C ILE B 71 0.47 17.18 -32.24
N LYS B 72 -0.58 17.98 -32.35
CA LYS B 72 -0.57 19.16 -33.21
C LYS B 72 0.28 20.26 -32.53
N GLY B 73 1.56 20.34 -32.88
CA GLY B 73 2.42 21.43 -32.36
C GLY B 73 1.96 22.81 -32.81
N SER B 74 2.44 23.87 -32.14
CA SER B 74 2.06 25.26 -32.45
C SER B 74 2.88 26.31 -31.73
N THR B 75 2.58 27.56 -32.04
CA THR B 75 3.04 28.72 -31.30
C THR B 75 2.01 29.86 -31.39
N SER B 76 0.81 29.51 -31.84
CA SER B 76 -0.27 30.46 -32.04
C SER B 76 -1.34 30.16 -31.01
N TYR B 77 -1.89 31.23 -30.45
CA TYR B 77 -2.78 31.10 -29.33
C TYR B 77 -4.24 31.03 -29.75
N ASP B 78 -4.51 31.36 -31.02
CA ASP B 78 -5.82 31.07 -31.59
C ASP B 78 -5.95 29.57 -31.92
N ASP B 79 -4.86 28.81 -31.81
CA ASP B 79 -4.89 27.34 -32.01
C ASP B 79 -5.62 26.55 -30.92
N LEU B 80 -5.99 27.24 -29.83
CA LEU B 80 -6.74 26.63 -28.76
C LEU B 80 -8.22 26.77 -29.04
N LYS B 81 -8.57 27.66 -29.97
CA LYS B 81 -9.96 28.03 -30.25
C LYS B 81 -10.88 26.85 -30.67
N ALA B 82 -10.35 25.62 -30.72
CA ALA B 82 -11.17 24.41 -30.85
C ALA B 82 -10.76 23.27 -29.89
N THR B 83 -9.91 23.55 -28.91
CA THR B 83 -9.57 22.56 -27.88
C THR B 83 -10.70 22.45 -26.87
N ASP B 84 -10.82 21.28 -26.26
CA ASP B 84 -11.78 21.03 -25.19
C ASP B 84 -11.18 21.36 -23.82
N ILE B 85 -9.86 21.54 -23.75
CA ILE B 85 -9.21 21.89 -22.49
C ILE B 85 -7.72 22.31 -22.62
N VAL B 86 -7.40 23.47 -22.04
CA VAL B 86 -6.02 24.00 -21.98
C VAL B 86 -5.41 23.75 -20.59
N ILE B 87 -4.13 23.42 -20.55
CA ILE B 87 -3.47 23.04 -19.32
C ILE B 87 -2.13 23.73 -19.26
N GLU B 88 -2.08 24.89 -18.62
CA GLU B 88 -0.80 25.57 -18.42
C GLU B 88 0.20 24.57 -17.78
N ALA B 89 1.49 24.65 -18.11
CA ALA B 89 2.51 23.84 -17.44
C ALA B 89 3.92 24.42 -17.52
N ALA B 90 3.99 25.67 -17.98
CA ALA B 90 5.25 26.37 -18.19
C ALA B 90 6.05 26.61 -16.91
N THR B 91 5.69 27.66 -16.19
CA THR B 91 6.59 28.30 -15.24
C THR B 91 6.10 28.22 -13.81
N GLU B 92 7.03 27.97 -12.90
CA GLU B 92 6.73 28.10 -11.47
C GLU B 92 7.18 29.48 -10.98
N ASN B 93 6.45 30.47 -11.45
CA ASN B 93 6.73 31.85 -11.20
C ASN B 93 5.43 32.57 -11.36
N TYR B 94 4.96 33.16 -10.27
CA TYR B 94 3.57 33.62 -10.18
C TYR B 94 3.13 34.63 -11.25
N ASP B 95 3.71 35.84 -11.22
CA ASP B 95 3.24 36.97 -12.06
C ASP B 95 3.25 36.65 -13.54
N LEU B 96 4.27 35.90 -13.96
CA LEU B 96 4.31 35.33 -15.30
C LEU B 96 3.19 34.33 -15.48
N LYS B 97 3.16 33.32 -14.61
CA LYS B 97 2.06 32.38 -14.60
C LYS B 97 0.72 33.06 -14.86
N VAL B 98 0.50 34.23 -14.27
CA VAL B 98 -0.77 34.94 -14.44
C VAL B 98 -0.97 35.40 -15.89
N LYS B 99 0.05 36.03 -16.47
CA LYS B 99 0.00 36.51 -17.85
C LYS B 99 -0.53 35.40 -18.76
N ILE B 100 0.21 34.29 -18.74
CA ILE B 100 -0.11 33.13 -19.56
C ILE B 100 -1.59 32.86 -19.63
N LEU B 101 -2.20 32.88 -18.46
CA LEU B 101 -3.54 32.41 -18.30
C LEU B 101 -4.57 33.48 -18.70
N LYS B 102 -4.17 34.75 -18.61
CA LYS B 102 -4.99 35.87 -19.08
C LYS B 102 -5.18 35.77 -20.60
N GLN B 103 -4.11 35.44 -21.31
CA GLN B 103 -4.19 35.17 -22.75
C GLN B 103 -5.24 34.11 -22.97
N ILE B 104 -5.07 32.99 -22.27
CA ILE B 104 -5.86 31.81 -22.51
C ILE B 104 -7.32 32.01 -22.11
N ASP B 105 -7.58 32.96 -21.23
CA ASP B 105 -8.96 33.30 -20.82
C ASP B 105 -9.75 34.08 -21.90
N GLY B 106 -9.13 35.12 -22.44
CA GLY B 106 -9.74 35.92 -23.52
C GLY B 106 -9.95 35.15 -24.82
N ILE B 107 -9.14 34.11 -25.03
CA ILE B 107 -9.22 33.25 -26.22
C ILE B 107 -10.42 32.30 -26.20
N VAL B 108 -10.43 31.43 -25.20
CA VAL B 108 -11.19 30.19 -25.23
C VAL B 108 -12.62 30.36 -24.65
N GLY B 109 -13.57 29.58 -25.16
CA GLY B 109 -15.00 29.80 -24.90
C GLY B 109 -15.48 29.52 -23.50
N GLU B 110 -16.70 30.00 -23.21
CA GLU B 110 -17.29 29.88 -21.87
C GLU B 110 -17.08 28.49 -21.25
N ASN B 111 -17.51 27.44 -21.96
CA ASN B 111 -17.60 26.10 -21.38
C ASN B 111 -16.23 25.47 -21.21
N VAL B 112 -15.24 25.96 -21.95
CA VAL B 112 -13.98 25.27 -22.06
C VAL B 112 -13.13 25.44 -20.82
N ILE B 113 -12.82 24.29 -20.20
CA ILE B 113 -12.17 24.20 -18.88
C ILE B 113 -10.67 24.50 -18.98
N ILE B 114 -10.16 25.19 -17.95
CA ILE B 114 -8.78 25.70 -17.90
C ILE B 114 -8.05 25.18 -16.66
N ALA B 115 -6.79 24.79 -16.81
CA ALA B 115 -6.09 24.04 -15.76
C ALA B 115 -4.63 24.42 -15.62
N SER B 116 -3.93 23.77 -14.69
CA SER B 116 -2.50 24.07 -14.44
C SER B 116 -1.77 23.12 -13.52
N ASN B 117 -0.54 22.78 -13.91
CA ASN B 117 0.39 22.08 -13.04
C ASN B 117 1.14 23.13 -12.22
N THR B 118 1.62 22.70 -11.07
CA THR B 118 2.27 23.59 -10.12
C THR B 118 2.48 22.79 -8.87
N SER B 119 3.56 23.08 -8.17
CA SER B 119 3.90 22.38 -6.96
C SER B 119 3.32 23.09 -5.75
N SER B 120 3.23 24.42 -5.82
CA SER B 120 2.98 25.20 -4.62
C SER B 120 2.38 26.59 -4.82
N ILE B 121 1.49 26.77 -5.79
CA ILE B 121 0.78 28.05 -5.92
C ILE B 121 -0.71 27.85 -5.58
N SER B 122 -1.39 28.92 -5.16
CA SER B 122 -2.78 28.83 -4.77
C SER B 122 -3.76 28.77 -5.96
N ILE B 123 -4.14 27.54 -6.34
CA ILE B 123 -5.25 27.29 -7.27
C ILE B 123 -6.38 28.31 -7.17
N THR B 124 -6.76 28.70 -5.95
CA THR B 124 -7.78 29.73 -5.80
C THR B 124 -7.29 31.08 -6.36
N LYS B 125 -6.11 31.56 -5.92
CA LYS B 125 -5.53 32.79 -6.49
C LYS B 125 -5.58 32.77 -8.01
N LEU B 126 -5.16 31.64 -8.56
CA LEU B 126 -5.02 31.49 -10.00
C LEU B 126 -6.38 31.58 -10.67
N ALA B 127 -7.27 30.66 -10.31
CA ALA B 127 -8.60 30.72 -10.86
C ALA B 127 -9.16 32.13 -10.85
N ALA B 128 -8.87 32.92 -9.81
CA ALA B 128 -9.43 34.27 -9.71
C ALA B 128 -8.93 35.28 -10.75
N VAL B 129 -7.91 34.95 -11.52
CA VAL B 129 -7.49 35.83 -12.61
C VAL B 129 -8.35 35.57 -13.87
N THR B 130 -8.88 34.36 -13.99
CA THR B 130 -9.77 34.01 -15.09
C THR B 130 -11.20 34.47 -14.85
N SER B 131 -11.98 34.44 -15.93
CA SER B 131 -13.34 34.97 -15.98
C SER B 131 -14.35 34.05 -15.33
N ARG B 132 -14.48 32.83 -15.83
CA ARG B 132 -15.28 31.80 -15.17
C ARG B 132 -14.34 30.98 -14.29
N ALA B 133 -13.92 31.57 -13.19
CA ALA B 133 -13.06 30.90 -12.24
C ALA B 133 -13.64 29.56 -11.81
N ASP B 134 -14.96 29.40 -11.93
CA ASP B 134 -15.63 28.10 -11.71
C ASP B 134 -15.32 27.04 -12.78
N ARG B 135 -14.64 27.45 -13.85
CA ARG B 135 -14.11 26.53 -14.85
C ARG B 135 -12.57 26.51 -14.82
N PHE B 136 -11.98 26.71 -13.65
CA PHE B 136 -10.52 26.60 -13.42
C PHE B 136 -10.24 25.48 -12.45
N ILE B 137 -9.07 24.84 -12.56
CA ILE B 137 -8.69 23.77 -11.64
C ILE B 137 -7.18 23.54 -11.68
N GLY B 138 -6.67 22.88 -10.65
CA GLY B 138 -5.27 22.58 -10.56
C GLY B 138 -5.01 21.14 -10.92
N MET B 139 -3.91 20.93 -11.61
CA MET B 139 -3.37 19.62 -11.81
C MET B 139 -2.03 19.59 -11.08
N HIS B 140 -1.48 18.39 -10.95
CA HIS B 140 -0.12 18.21 -10.46
C HIS B 140 0.30 16.77 -10.76
N PHE B 141 0.92 16.64 -11.94
CA PHE B 141 1.55 15.42 -12.37
C PHE B 141 2.94 15.39 -11.77
N PHE B 142 3.57 14.23 -11.82
CA PHE B 142 4.87 14.04 -11.20
C PHE B 142 5.90 13.49 -12.17
N ASN B 143 7.12 13.97 -12.03
CA ASN B 143 8.20 13.55 -12.89
C ASN B 143 8.78 12.21 -12.50
N PRO B 144 8.94 11.32 -13.49
CA PRO B 144 8.58 11.46 -14.91
C PRO B 144 7.10 11.25 -15.27
N VAL B 145 6.45 12.30 -15.79
CA VAL B 145 4.97 12.32 -15.92
C VAL B 145 4.37 11.18 -16.76
N PRO B 146 4.88 10.96 -17.97
CA PRO B 146 4.35 9.78 -18.68
C PRO B 146 4.45 8.45 -17.89
N VAL B 147 5.37 8.38 -16.92
CA VAL B 147 5.57 7.14 -16.13
C VAL B 147 4.97 7.16 -14.72
N MET B 148 4.75 8.35 -14.17
CA MET B 148 4.22 8.45 -12.81
C MET B 148 2.71 8.36 -12.87
N ALA B 149 2.15 7.45 -12.06
CA ALA B 149 0.74 7.04 -12.17
C ALA B 149 -0.21 8.03 -11.54
N LEU B 150 0.35 8.90 -10.72
CA LEU B 150 -0.42 9.77 -9.86
C LEU B 150 -0.73 11.10 -10.51
N VAL B 151 -1.78 11.73 -10.03
CA VAL B 151 -1.99 13.14 -10.29
C VAL B 151 -2.81 13.75 -9.16
N GLU B 152 -2.41 14.92 -8.68
CA GLU B 152 -3.19 15.62 -7.70
C GLU B 152 -4.10 16.56 -8.43
N LEU B 153 -5.38 16.29 -8.40
CA LEU B 153 -6.32 17.33 -8.76
C LEU B 153 -6.51 18.23 -7.54
N ILE B 154 -6.37 19.53 -7.72
CA ILE B 154 -6.52 20.46 -6.62
C ILE B 154 -7.60 21.49 -6.89
N ARG B 155 -8.76 21.36 -6.22
CA ARG B 155 -9.88 22.35 -6.37
C ARG B 155 -9.60 23.64 -5.65
N GLY B 156 -9.63 24.74 -6.37
CA GLY B 156 -9.75 26.06 -5.75
C GLY B 156 -11.15 26.12 -5.24
N LEU B 157 -11.46 27.03 -4.33
CA LEU B 157 -12.85 27.20 -3.93
C LEU B 157 -13.72 27.13 -5.20
N GLN B 158 -13.50 28.09 -6.07
CA GLN B 158 -14.42 28.44 -7.13
C GLN B 158 -14.75 27.28 -8.08
N THR B 159 -13.81 26.35 -8.23
CA THR B 159 -14.03 25.15 -9.03
C THR B 159 -15.37 24.47 -8.80
N SER B 160 -16.27 24.59 -9.78
CA SER B 160 -17.48 23.77 -9.85
C SER B 160 -17.18 22.27 -9.87
N ASP B 161 -18.23 21.48 -9.61
CA ASP B 161 -18.19 20.01 -9.57
C ASP B 161 -18.00 19.41 -10.94
N THR B 162 -18.81 19.91 -11.86
CA THR B 162 -18.78 19.44 -13.23
C THR B 162 -17.34 19.56 -13.75
N THR B 163 -16.73 20.72 -13.52
CA THR B 163 -15.31 20.93 -13.83
C THR B 163 -14.40 19.82 -13.25
N HIS B 164 -14.49 19.64 -11.94
CA HIS B 164 -13.65 18.66 -11.26
C HIS B 164 -13.89 17.32 -11.91
N ALA B 165 -15.17 16.92 -11.94
CA ALA B 165 -15.58 15.64 -12.46
C ALA B 165 -14.85 15.33 -13.77
N ALA B 166 -14.97 16.22 -14.75
CA ALA B 166 -14.39 16.03 -16.08
C ALA B 166 -12.88 15.77 -16.04
N VAL B 167 -12.15 16.65 -15.36
CA VAL B 167 -10.70 16.47 -15.25
C VAL B 167 -10.35 15.17 -14.50
N GLU B 168 -11.18 14.81 -13.52
CA GLU B 168 -11.03 13.53 -12.82
C GLU B 168 -11.05 12.38 -13.84
N ALA B 169 -12.15 12.28 -14.56
CA ALA B 169 -12.33 11.30 -15.63
C ALA B 169 -11.21 11.34 -16.67
N LEU B 170 -10.86 12.54 -17.11
CA LEU B 170 -9.75 12.69 -18.03
C LEU B 170 -8.46 12.10 -17.44
N SER B 171 -8.23 12.33 -16.16
CA SER B 171 -7.01 11.88 -15.50
C SER B 171 -6.94 10.35 -15.49
N LYS B 172 -8.09 9.72 -15.27
CA LYS B 172 -8.20 8.27 -15.37
C LYS B 172 -7.97 7.83 -16.80
N GLN B 173 -8.51 8.62 -17.73
CA GLN B 173 -8.37 8.38 -19.17
C GLN B 173 -6.92 8.25 -19.69
N LEU B 174 -5.95 8.82 -18.98
CA LEU B 174 -4.54 8.69 -19.33
C LEU B 174 -3.93 7.48 -18.63
N GLY B 175 -4.74 6.81 -17.81
CA GLY B 175 -4.27 5.75 -16.92
C GLY B 175 -3.58 6.29 -15.68
N LYS B 176 -4.06 7.42 -15.17
CA LYS B 176 -3.51 8.04 -13.95
C LYS B 176 -4.47 7.76 -12.78
N TYR B 177 -3.92 7.70 -11.56
CA TYR B 177 -4.72 7.63 -10.34
C TYR B 177 -4.88 9.07 -9.81
N PRO B 178 -6.09 9.62 -9.95
CA PRO B 178 -6.31 10.99 -9.50
C PRO B 178 -6.59 11.05 -8.01
N ILE B 179 -6.24 12.20 -7.44
CA ILE B 179 -6.26 12.43 -6.01
C ILE B 179 -6.87 13.78 -5.86
N THR B 180 -8.09 13.87 -5.38
CA THR B 180 -8.71 15.17 -5.24
C THR B 180 -8.28 15.82 -3.92
N VAL B 181 -8.01 17.13 -3.95
CA VAL B 181 -7.43 17.85 -2.83
C VAL B 181 -7.97 19.25 -2.76
N LYS B 182 -8.38 19.70 -1.58
CA LYS B 182 -8.80 21.08 -1.42
C LYS B 182 -7.58 21.99 -1.42
N ASN B 183 -7.64 23.06 -2.19
CA ASN B 183 -6.52 23.99 -2.30
C ASN B 183 -5.97 24.28 -0.92
N SER B 184 -4.66 24.17 -0.78
CA SER B 184 -4.00 24.33 0.50
C SER B 184 -2.54 24.18 0.26
N PRO B 185 -1.70 25.00 0.90
CA PRO B 185 -0.25 24.91 0.68
C PRO B 185 0.36 23.50 0.81
N GLY B 186 1.05 23.06 -0.25
CA GLY B 186 1.71 21.74 -0.29
C GLY B 186 0.74 20.66 -0.76
N PHE B 187 -0.47 21.10 -1.09
CA PHE B 187 -1.58 20.24 -1.35
C PHE B 187 -1.48 19.09 -0.35
N VAL B 188 -1.37 17.86 -0.85
CA VAL B 188 -1.19 16.69 0.00
C VAL B 188 0.24 16.25 0.04
N VAL B 189 0.82 16.03 -1.12
CA VAL B 189 1.99 15.22 -1.16
C VAL B 189 3.21 15.96 -0.69
N ASN B 190 3.41 17.15 -1.26
CA ASN B 190 4.52 17.97 -0.86
C ASN B 190 4.31 18.36 0.58
N ARG B 191 3.05 18.67 0.95
CA ARG B 191 2.77 19.12 2.32
C ARG B 191 3.29 18.13 3.38
N ILE B 192 3.27 16.86 3.05
CA ILE B 192 3.76 15.85 3.99
C ILE B 192 5.25 15.53 3.78
N LEU B 193 5.60 15.47 2.51
CA LEU B 193 6.88 14.91 2.15
C LEU B 193 8.03 15.85 2.47
N CYS B 194 7.81 17.12 2.18
CA CYS B 194 8.86 18.10 2.22
C CYS B 194 9.28 18.43 3.64
N PRO B 195 8.30 18.67 4.53
CA PRO B 195 8.68 18.93 5.92
C PRO B 195 9.41 17.74 6.56
N MET B 196 9.18 16.54 6.06
CA MET B 196 9.99 15.42 6.44
C MET B 196 11.44 15.64 6.04
N ILE B 197 11.64 15.98 4.77
CA ILE B 197 12.99 16.19 4.28
C ILE B 197 13.59 17.25 5.18
N ASN B 198 12.86 18.33 5.36
CA ASN B 198 13.38 19.45 6.12
C ASN B 198 13.86 18.99 7.48
N GLU B 199 13.10 18.07 8.05
CA GLU B 199 13.45 17.47 9.34
C GLU B 199 14.77 16.73 9.28
N ALA B 200 14.96 15.96 8.21
CA ALA B 200 16.26 15.29 8.00
C ALA B 200 17.41 16.31 7.96
N PHE B 201 17.18 17.47 7.33
CA PHE B 201 18.17 18.57 7.39
C PHE B 201 18.40 19.05 8.82
N CYS B 202 17.32 19.09 9.62
CA CYS B 202 17.48 19.48 11.03
C CYS B 202 18.31 18.53 11.84
N VAL B 203 17.93 17.28 11.78
CA VAL B 203 18.68 16.22 12.40
C VAL B 203 20.17 16.32 12.08
N LEU B 204 20.46 16.55 10.80
CA LEU B 204 21.84 16.62 10.31
C LEU B 204 22.50 17.87 10.80
N GLY B 205 21.79 18.98 10.71
CA GLY B 205 22.32 20.25 11.26
C GLY B 205 22.64 20.06 12.72
N GLU B 206 21.79 19.32 13.44
CA GLU B 206 22.03 19.06 14.87
C GLU B 206 23.16 18.03 15.14
N GLY B 207 23.66 17.39 14.08
CA GLY B 207 24.76 16.49 14.19
C GLY B 207 24.42 15.20 14.89
N LEU B 208 23.21 14.70 14.68
CA LEU B 208 22.84 13.41 15.29
C LEU B 208 23.53 12.21 14.65
N ALA B 209 23.88 12.34 13.37
CA ALA B 209 24.52 11.28 12.60
C ALA B 209 25.05 11.84 11.28
N SER B 210 25.80 11.02 10.57
CA SER B 210 26.22 11.37 9.24
C SER B 210 25.00 11.37 8.37
N PRO B 211 25.10 12.05 7.22
CA PRO B 211 23.97 12.03 6.31
C PRO B 211 23.70 10.67 5.70
N GLU B 212 24.73 9.82 5.68
CA GLU B 212 24.62 8.45 5.16
C GLU B 212 23.76 7.68 6.11
N GLU B 213 24.16 7.76 7.38
CA GLU B 213 23.39 7.20 8.48
C GLU B 213 21.96 7.65 8.39
N ILE B 214 21.73 8.95 8.28
CA ILE B 214 20.35 9.42 8.15
C ILE B 214 19.64 8.71 7.00
N ASP B 215 20.28 8.70 5.82
CA ASP B 215 19.64 8.20 4.59
C ASP B 215 19.45 6.69 4.55
N GLU B 216 20.46 5.93 4.98
CA GLU B 216 20.34 4.45 5.05
C GLU B 216 19.26 4.15 6.06
N GLY B 217 19.34 4.92 7.16
CA GLY B 217 18.38 4.88 8.22
C GLY B 217 16.96 4.82 7.72
N MET B 218 16.61 5.73 6.80
CA MET B 218 15.25 5.76 6.26
C MET B 218 14.99 4.59 5.29
N LYS B 219 15.95 4.30 4.43
CA LYS B 219 15.83 3.18 3.52
C LYS B 219 15.63 1.83 4.28
N LEU B 220 16.58 1.53 5.17
CA LEU B 220 16.63 0.26 5.90
C LEU B 220 15.67 0.12 7.09
N GLY B 221 15.15 1.26 7.57
CA GLY B 221 14.32 1.33 8.75
C GLY B 221 12.86 1.40 8.40
N CYS B 222 12.54 2.25 7.45
CA CYS B 222 11.15 2.46 7.01
C CYS B 222 10.86 1.92 5.62
N ASN B 223 11.88 1.34 4.95
CA ASN B 223 11.77 0.84 3.58
C ASN B 223 11.42 1.93 2.60
N HIS B 224 12.11 3.05 2.75
CA HIS B 224 11.98 4.15 1.82
C HIS B 224 12.84 3.88 0.59
N PRO B 225 12.31 4.22 -0.60
CA PRO B 225 13.09 4.00 -1.81
C PRO B 225 14.39 4.74 -1.80
N ILE B 226 14.43 5.91 -1.16
CA ILE B 226 15.67 6.67 -1.13
C ILE B 226 15.75 7.58 0.10
N GLY B 227 16.93 7.71 0.69
CA GLY B 227 17.11 8.61 1.81
C GLY B 227 16.71 10.02 1.41
N PRO B 228 16.08 10.77 2.33
CA PRO B 228 15.53 12.12 2.07
C PRO B 228 16.56 13.16 1.69
N LEU B 229 17.77 13.03 2.23
CA LEU B 229 18.80 13.97 1.91
C LEU B 229 19.14 13.83 0.43
N ALA B 230 19.46 12.62 0.02
CA ALA B 230 19.69 12.33 -1.37
C ALA B 230 18.49 12.80 -2.19
N LEU B 231 17.30 12.43 -1.77
CA LEU B 231 16.13 12.84 -2.50
C LEU B 231 16.17 14.34 -2.64
N ALA B 232 16.47 15.01 -1.55
CA ALA B 232 16.57 16.46 -1.62
C ALA B 232 17.56 16.86 -2.69
N ASP B 233 18.75 16.25 -2.70
CA ASP B 233 19.75 16.58 -3.72
C ASP B 233 19.22 16.50 -5.16
N MET B 234 18.31 15.56 -5.44
CA MET B 234 17.73 15.44 -6.76
C MET B 234 16.71 16.55 -7.00
N ILE B 235 15.79 16.72 -6.07
CA ILE B 235 14.80 17.76 -6.20
C ILE B 235 15.44 19.16 -6.29
N GLY B 236 16.59 19.35 -5.70
CA GLY B 236 17.20 20.64 -5.66
C GLY B 236 16.87 21.24 -4.31
N LEU B 237 17.91 21.67 -3.60
CA LEU B 237 17.74 22.24 -2.29
C LEU B 237 17.10 23.60 -2.41
N ASP B 238 17.49 24.37 -3.42
CA ASP B 238 16.81 25.66 -3.62
C ASP B 238 15.30 25.40 -3.76
N THR B 239 14.95 24.38 -4.53
CA THR B 239 13.56 24.03 -4.67
C THR B 239 12.86 23.63 -3.34
N MET B 240 13.60 22.87 -2.53
CA MET B 240 13.17 22.47 -1.22
C MET B 240 12.95 23.68 -0.37
N LEU B 241 13.97 24.53 -0.28
CA LEU B 241 13.84 25.72 0.54
C LEU B 241 12.68 26.53 0.06
N ALA B 242 12.58 26.72 -1.25
CA ALA B 242 11.42 27.40 -1.80
C ALA B 242 10.09 26.83 -1.26
N VAL B 243 9.93 25.51 -1.18
CA VAL B 243 8.68 24.91 -0.69
C VAL B 243 8.47 25.20 0.79
N MET B 244 9.50 24.96 1.58
CA MET B 244 9.51 25.27 3.02
C MET B 244 9.15 26.70 3.36
N GLU B 245 9.58 27.65 2.51
CA GLU B 245 9.29 29.07 2.72
C GLU B 245 7.83 29.35 2.36
N VAL B 246 7.28 28.54 1.46
CA VAL B 246 5.91 28.74 1.06
C VAL B 246 4.98 28.15 2.13
N LEU B 247 5.45 27.11 2.79
CA LEU B 247 4.70 26.57 3.92
C LEU B 247 4.71 27.58 5.07
N TYR B 248 5.90 27.95 5.50
CA TYR B 248 6.00 28.90 6.59
C TYR B 248 5.27 30.21 6.31
N THR B 249 5.32 30.73 5.08
CA THR B 249 4.71 32.05 4.77
C THR B 249 3.19 31.97 4.67
N GLU B 250 2.71 30.83 4.22
CA GLU B 250 1.30 30.71 3.93
C GLU B 250 0.54 30.18 5.13
N PHE B 251 1.12 29.26 5.90
CA PHE B 251 0.51 28.84 7.17
C PHE B 251 0.77 29.85 8.29
N ALA B 252 1.77 30.72 8.09
CA ALA B 252 2.22 31.70 9.08
C ALA B 252 2.59 31.05 10.41
N ASP B 253 3.25 29.91 10.32
CA ASP B 253 3.38 28.99 11.40
C ASP B 253 4.81 28.42 11.45
N PRO B 254 5.56 28.74 12.49
CA PRO B 254 6.98 28.40 12.41
C PRO B 254 7.26 26.94 12.53
N LYS B 255 6.22 26.15 12.76
CA LYS B 255 6.34 24.74 12.64
C LYS B 255 7.12 24.40 11.38
N TYR B 256 6.77 25.09 10.28
CA TYR B 256 7.38 24.88 8.95
C TYR B 256 8.65 25.67 8.63
N ARG B 257 9.32 26.23 9.62
CA ARG B 257 10.56 26.97 9.35
C ARG B 257 11.59 26.08 8.68
N PRO B 258 12.32 26.61 7.69
CA PRO B 258 13.37 25.81 7.05
C PRO B 258 14.54 25.48 7.95
N ALA B 259 15.12 24.30 7.76
CA ALA B 259 16.25 23.86 8.53
C ALA B 259 17.32 24.85 8.29
N MET B 260 17.98 25.33 9.33
CA MET B 260 19.10 26.23 9.11
C MET B 260 20.16 25.70 8.09
N LEU B 261 20.49 24.42 8.16
CA LEU B 261 21.59 23.94 7.32
C LEU B 261 21.20 24.02 5.86
N MET B 262 19.91 23.81 5.58
CA MET B 262 19.41 23.91 4.22
C MET B 262 19.59 25.35 3.72
N ARG B 263 19.32 26.35 4.55
CA ARG B 263 19.53 27.75 4.17
C ARG B 263 20.99 28.04 3.77
N GLU B 264 21.93 27.50 4.53
CA GLU B 264 23.35 27.65 4.26
C GLU B 264 23.78 27.03 2.93
N MET B 265 23.38 25.77 2.75
CA MET B 265 23.65 25.05 1.51
C MET B 265 23.12 25.79 0.30
N VAL B 266 21.90 26.29 0.36
CA VAL B 266 21.39 27.03 -0.78
C VAL B 266 22.17 28.35 -0.95
N ALA B 267 22.54 28.97 0.16
CA ALA B 267 23.33 30.17 0.12
C ALA B 267 24.70 29.97 -0.54
N ALA B 268 25.30 28.77 -0.38
CA ALA B 268 26.62 28.46 -0.95
C ALA B 268 26.55 27.89 -2.34
N GLY B 269 25.35 27.79 -2.87
CA GLY B 269 25.18 27.32 -4.22
C GLY B 269 25.26 25.80 -4.34
N TYR B 270 25.56 25.10 -3.25
CA TYR B 270 25.43 23.65 -3.33
C TYR B 270 23.93 23.31 -3.44
N LEU B 271 23.37 23.32 -4.64
CA LEU B 271 21.96 23.02 -4.75
C LEU B 271 21.60 21.59 -5.06
N GLY B 272 22.56 20.69 -5.08
CA GLY B 272 22.28 19.30 -5.43
C GLY B 272 23.01 18.85 -6.67
N ARG B 273 22.53 17.72 -7.22
CA ARG B 273 22.96 17.20 -8.51
C ARG B 273 22.99 18.25 -9.63
N LYS B 274 21.98 19.12 -9.68
CA LYS B 274 21.93 20.27 -10.58
C LYS B 274 23.29 20.85 -10.68
N THR B 275 23.94 21.10 -9.56
CA THR B 275 25.26 21.69 -9.58
C THR B 275 26.37 20.71 -9.19
N GLY B 276 26.10 19.41 -9.27
CA GLY B 276 27.08 18.39 -8.85
C GLY B 276 27.55 18.52 -7.41
N ARG B 277 26.68 19.12 -6.57
CA ARG B 277 26.86 19.15 -5.12
C ARG B 277 25.63 19.71 -4.39
N GLY B 278 25.10 18.90 -3.48
CA GLY B 278 24.23 19.42 -2.45
C GLY B 278 24.76 18.87 -1.15
N VAL B 279 23.97 17.99 -0.54
CA VAL B 279 24.40 17.22 0.63
C VAL B 279 25.61 16.31 0.31
N TYR B 280 25.56 15.64 -0.82
CA TYR B 280 26.66 14.80 -1.24
C TYR B 280 27.32 15.46 -2.44
N VAL B 281 28.53 14.99 -2.74
CA VAL B 281 29.23 15.40 -3.95
C VAL B 281 28.95 14.41 -5.08
N TYR B 282 28.62 14.95 -6.25
CA TYR B 282 28.48 14.20 -7.50
C TYR B 282 29.58 14.65 -8.48
N SER B 283 30.07 13.72 -9.30
CA SER B 283 30.67 14.07 -10.60
C SER B 283 30.15 13.05 -11.65
N LYS B 284 29.84 13.48 -12.88
CA LYS B 284 30.07 14.82 -13.42
C LYS B 284 31.56 15.15 -13.45
N SER C 2 33.12 -13.24 23.34
CA SER C 2 33.12 -11.74 23.27
C SER C 2 31.70 -11.19 23.55
N ILE C 3 30.76 -11.49 22.63
CA ILE C 3 29.32 -11.42 22.93
C ILE C 3 28.65 -12.61 22.29
N ARG C 4 28.56 -13.70 23.03
CA ARG C 4 28.04 -14.93 22.45
C ARG C 4 26.66 -15.30 23.02
N THR C 5 26.16 -14.48 23.95
CA THR C 5 24.88 -14.73 24.63
C THR C 5 24.15 -13.43 24.91
N VAL C 6 22.90 -13.39 24.55
CA VAL C 6 22.15 -12.21 24.73
C VAL C 6 21.03 -12.46 25.73
N GLY C 7 20.93 -11.58 26.73
CA GLY C 7 19.79 -11.58 27.61
C GLY C 7 18.75 -10.60 27.11
N ILE C 8 17.48 -10.97 27.19
CA ILE C 8 16.40 -10.18 26.63
C ILE C 8 15.24 -10.16 27.60
N VAL C 9 14.85 -8.97 28.06
CA VAL C 9 13.75 -8.83 28.97
C VAL C 9 12.51 -8.36 28.22
N GLY C 10 11.49 -9.20 28.25
CA GLY C 10 10.30 -9.04 27.40
C GLY C 10 10.26 -10.13 26.33
N ALA C 11 9.18 -10.91 26.28
CA ALA C 11 9.00 -11.90 25.22
C ALA C 11 7.78 -11.61 24.30
N GLY C 12 7.51 -10.31 24.13
CA GLY C 12 6.53 -9.81 23.16
C GLY C 12 7.09 -9.46 21.78
N THR C 13 6.25 -8.81 21.01
CA THR C 13 6.51 -8.47 19.63
C THR C 13 7.98 -8.17 19.48
N MET C 14 8.42 -7.09 20.11
CA MET C 14 9.84 -6.70 20.04
C MET C 14 10.81 -7.75 20.63
N GLY C 15 10.54 -8.19 21.85
CA GLY C 15 11.44 -9.07 22.55
C GLY C 15 11.70 -10.39 21.85
N ASN C 16 10.64 -11.06 21.35
CA ASN C 16 10.79 -12.31 20.57
C ASN C 16 11.34 -12.07 19.16
N GLY C 17 11.10 -10.85 18.66
CA GLY C 17 11.75 -10.38 17.44
C GLY C 17 13.26 -10.40 17.62
N ILE C 18 13.75 -9.70 18.63
CA ILE C 18 15.19 -9.66 18.88
C ILE C 18 15.70 -11.08 19.13
N ALA C 19 14.95 -11.83 19.91
CA ALA C 19 15.23 -13.25 20.16
C ALA C 19 15.58 -14.02 18.91
N GLN C 20 14.66 -13.99 17.93
CA GLN C 20 14.71 -14.86 16.74
C GLN C 20 15.89 -14.45 15.89
N ALA C 21 15.91 -13.17 15.58
CA ALA C 21 17.04 -12.53 14.96
C ALA C 21 18.35 -13.03 15.56
N CYS C 22 18.44 -13.04 16.90
CA CYS C 22 19.64 -13.58 17.58
C CYS C 22 19.80 -15.08 17.35
N ALA C 23 18.75 -15.81 17.67
CA ALA C 23 18.78 -17.25 17.53
C ALA C 23 19.28 -17.70 16.15
N VAL C 24 18.81 -17.06 15.08
CA VAL C 24 19.03 -17.59 13.72
C VAL C 24 20.47 -17.40 13.24
N VAL C 25 21.24 -16.56 13.89
CA VAL C 25 22.65 -16.47 13.52
C VAL C 25 23.48 -17.23 14.54
N GLY C 26 22.86 -18.20 15.23
CA GLY C 26 23.56 -18.99 16.23
C GLY C 26 24.07 -18.22 17.46
N LEU C 27 23.41 -17.11 17.80
CA LEU C 27 23.61 -16.50 19.11
C LEU C 27 22.71 -17.19 20.13
N ASN C 28 23.26 -17.42 21.31
CA ASN C 28 22.52 -17.91 22.44
C ASN C 28 21.70 -16.77 22.99
N VAL C 29 20.48 -17.10 23.43
CA VAL C 29 19.53 -16.11 23.89
C VAL C 29 18.98 -16.57 25.23
N VAL C 30 18.80 -15.60 26.13
CA VAL C 30 18.11 -15.82 27.40
C VAL C 30 16.95 -14.84 27.43
N MET C 31 15.77 -15.39 27.34
CA MET C 31 14.61 -14.58 27.11
C MET C 31 13.65 -14.59 28.28
N VAL C 32 13.71 -13.52 29.05
CA VAL C 32 13.03 -13.43 30.31
C VAL C 32 11.73 -12.65 30.13
N ASP C 33 10.68 -13.16 30.76
CA ASP C 33 9.44 -12.40 30.89
C ASP C 33 8.87 -12.66 32.26
N ILE C 34 7.75 -12.00 32.55
CA ILE C 34 7.04 -12.14 33.83
C ILE C 34 6.22 -13.45 34.02
N SER C 35 6.17 -14.37 33.06
CA SER C 35 5.46 -15.65 33.33
C SER C 35 5.66 -16.76 32.32
N ASP C 36 5.53 -18.00 32.79
CA ASP C 36 5.55 -19.18 31.92
C ASP C 36 4.68 -19.00 30.69
N ALA C 37 3.49 -18.45 30.88
CA ALA C 37 2.58 -18.30 29.73
C ALA C 37 3.10 -17.27 28.72
N ALA C 38 3.58 -16.11 29.22
CA ALA C 38 4.12 -15.03 28.36
C ALA C 38 5.47 -15.37 27.71
N VAL C 39 6.32 -16.07 28.44
CA VAL C 39 7.52 -16.66 27.84
C VAL C 39 7.15 -17.66 26.73
N GLN C 40 6.31 -18.65 27.08
CA GLN C 40 5.93 -19.70 26.14
C GLN C 40 5.20 -19.17 24.93
N LYS C 41 4.53 -18.04 25.10
CA LYS C 41 3.88 -17.34 24.00
C LYS C 41 4.88 -16.70 23.03
N GLY C 42 5.93 -16.07 23.57
CA GLY C 42 6.99 -15.53 22.73
C GLY C 42 7.59 -16.63 21.85
N VAL C 43 7.90 -17.76 22.46
CA VAL C 43 8.45 -18.89 21.73
C VAL C 43 7.44 -19.36 20.67
N ALA C 44 6.17 -19.38 21.03
CA ALA C 44 5.12 -19.75 20.07
C ALA C 44 5.17 -18.92 18.80
N THR C 45 5.58 -17.67 18.94
CA THR C 45 5.68 -16.72 17.82
C THR C 45 6.93 -16.97 17.00
N VAL C 46 8.05 -17.14 17.69
CA VAL C 46 9.30 -17.46 17.07
C VAL C 46 9.06 -18.74 16.24
N ALA C 47 8.64 -19.82 16.91
CA ALA C 47 8.38 -21.09 16.22
C ALA C 47 7.32 -20.93 15.13
N SER C 48 6.28 -20.17 15.39
CA SER C 48 5.28 -19.90 14.36
C SER C 48 5.86 -19.17 13.10
N SER C 49 6.60 -18.08 13.30
CA SER C 49 7.27 -17.37 12.20
C SER C 49 8.28 -18.22 11.40
N LEU C 50 9.10 -19.02 12.09
CA LEU C 50 9.99 -19.94 11.38
C LEU C 50 9.21 -20.90 10.46
N ASP C 51 8.00 -21.32 10.88
CA ASP C 51 7.12 -22.14 10.03
C ASP C 51 6.66 -21.44 8.73
N ARG C 52 6.27 -20.16 8.83
CA ARG C 52 5.92 -19.40 7.64
C ARG C 52 7.09 -19.40 6.63
N LEU C 53 8.30 -19.32 7.15
CA LEU C 53 9.49 -19.38 6.33
C LEU C 53 9.74 -20.80 5.78
N ILE C 54 9.50 -21.81 6.59
CA ILE C 54 9.68 -23.17 6.16
C ILE C 54 8.66 -23.49 5.08
N LYS C 55 7.45 -22.96 5.25
CA LYS C 55 6.39 -23.05 4.25
C LYS C 55 6.78 -22.42 2.90
N LYS C 56 7.49 -21.30 2.96
CA LYS C 56 8.00 -20.60 1.77
C LYS C 56 9.42 -21.07 1.36
N GLU C 57 9.88 -22.16 1.97
CA GLU C 57 11.10 -22.89 1.58
C GLU C 57 12.34 -22.03 1.60
N LYS C 58 12.31 -21.07 2.51
CA LYS C 58 13.42 -20.20 2.78
C LYS C 58 14.24 -20.82 3.92
N LEU C 59 13.71 -21.90 4.54
CA LEU C 59 14.41 -22.57 5.62
C LEU C 59 14.11 -24.03 5.67
N THR C 60 15.06 -24.79 6.22
CA THR C 60 14.79 -26.16 6.64
C THR C 60 14.22 -26.18 8.03
N GLU C 61 13.62 -27.33 8.37
CA GLU C 61 13.20 -27.61 9.72
C GLU C 61 14.44 -27.61 10.61
N ALA C 62 15.53 -28.17 10.11
CA ALA C 62 16.80 -28.15 10.82
C ALA C 62 17.16 -26.72 11.24
N ASP C 63 17.04 -25.78 10.31
CA ASP C 63 17.31 -24.36 10.62
C ASP C 63 16.48 -23.95 11.83
N LYS C 64 15.18 -24.27 11.74
CA LYS C 64 14.24 -23.96 12.81
C LYS C 64 14.65 -24.58 14.14
N ALA C 65 14.81 -25.88 14.15
CA ALA C 65 15.23 -26.53 15.37
C ALA C 65 16.53 -25.90 15.92
N SER C 66 17.45 -25.49 15.04
CA SER C 66 18.72 -24.87 15.50
C SER C 66 18.51 -23.56 16.23
N ALA C 67 17.58 -22.77 15.71
CA ALA C 67 17.29 -21.48 16.27
C ALA C 67 16.58 -21.68 17.62
N LEU C 68 15.55 -22.51 17.65
CA LEU C 68 14.85 -22.83 18.89
C LEU C 68 15.79 -23.32 19.97
N ALA C 69 16.69 -24.23 19.65
CA ALA C 69 17.64 -24.65 20.66
C ALA C 69 18.45 -23.49 21.29
N ARG C 70 18.60 -22.38 20.57
CA ARG C 70 19.37 -21.22 21.08
C ARG C 70 18.67 -20.40 22.16
N ILE C 71 17.37 -20.60 22.27
CA ILE C 71 16.56 -19.73 23.09
C ILE C 71 16.21 -20.44 24.38
N LYS C 72 16.71 -19.88 25.47
CA LYS C 72 16.37 -20.33 26.81
C LYS C 72 15.33 -19.35 27.37
N GLY C 73 14.10 -19.86 27.59
CA GLY C 73 12.98 -19.11 28.17
C GLY C 73 12.95 -19.22 29.69
N SER C 74 12.42 -18.22 30.37
CA SER C 74 12.73 -18.04 31.78
C SER C 74 11.92 -16.93 32.38
N THR C 75 11.72 -17.04 33.68
CA THR C 75 11.10 -15.98 34.40
C THR C 75 12.00 -15.47 35.47
N SER C 76 13.22 -16.00 35.60
CA SER C 76 14.16 -15.43 36.59
C SER C 76 15.13 -14.52 35.95
N TYR C 77 15.14 -13.29 36.42
CA TYR C 77 16.26 -12.38 36.18
C TYR C 77 17.63 -12.89 36.64
N ASP C 78 17.68 -13.98 37.40
CA ASP C 78 18.95 -14.61 37.75
C ASP C 78 19.65 -15.21 36.54
N ASP C 79 18.83 -15.70 35.59
CA ASP C 79 19.33 -16.27 34.35
C ASP C 79 20.11 -15.27 33.47
N LEU C 80 19.79 -13.98 33.55
CA LEU C 80 20.60 -12.94 32.92
C LEU C 80 22.06 -12.84 33.43
N LYS C 81 22.33 -13.26 34.65
CA LYS C 81 23.69 -13.26 35.14
C LYS C 81 24.61 -14.00 34.17
N ALA C 82 24.09 -15.04 33.52
CA ALA C 82 24.86 -15.78 32.52
C ALA C 82 24.74 -15.21 31.10
N THR C 83 24.75 -13.89 30.93
CA THR C 83 24.73 -13.33 29.59
C THR C 83 25.78 -12.25 29.49
N ASP C 84 26.17 -11.93 28.26
CA ASP C 84 27.16 -10.88 27.95
C ASP C 84 26.56 -9.48 27.86
N ILE C 85 25.27 -9.43 27.56
CA ILE C 85 24.53 -8.20 27.43
C ILE C 85 23.04 -8.45 27.71
N VAL C 86 22.33 -7.43 28.20
CA VAL C 86 20.91 -7.57 28.40
C VAL C 86 20.18 -6.45 27.70
N ILE C 87 19.10 -6.82 27.03
CA ILE C 87 18.35 -5.90 26.22
C ILE C 87 16.94 -5.84 26.74
N GLU C 88 16.49 -4.62 27.00
CA GLU C 88 15.20 -4.37 27.60
C GLU C 88 14.23 -4.03 26.51
N ALA C 89 13.22 -4.89 26.37
CA ALA C 89 12.25 -4.71 25.31
C ALA C 89 10.90 -5.12 25.81
N ALA C 90 10.53 -4.50 26.92
CA ALA C 90 9.36 -4.91 27.67
C ALA C 90 8.27 -3.84 27.68
N THR C 91 8.67 -2.58 27.85
CA THR C 91 7.67 -1.55 28.00
C THR C 91 8.15 -0.14 27.65
N GLU C 92 7.22 0.67 27.16
CA GLU C 92 7.47 2.11 27.00
C GLU C 92 6.94 2.98 28.18
N ASN C 93 6.13 2.43 29.08
CA ASN C 93 5.86 3.09 30.36
C ASN C 93 7.15 3.47 31.07
N TYR C 94 7.39 4.75 31.22
CA TYR C 94 8.69 5.19 31.69
C TYR C 94 9.04 4.60 33.06
N ASP C 95 8.08 4.68 33.97
CA ASP C 95 8.22 4.11 35.32
C ASP C 95 8.49 2.60 35.33
N LEU C 96 7.75 1.80 34.58
CA LEU C 96 8.01 0.36 34.63
C LEU C 96 9.39 0.12 34.09
N LYS C 97 9.71 0.82 33.01
CA LYS C 97 10.98 0.68 32.32
C LYS C 97 12.10 0.88 33.33
N VAL C 98 12.07 1.99 34.03
CA VAL C 98 13.11 2.26 34.94
C VAL C 98 13.20 1.18 36.02
N LYS C 99 12.08 0.66 36.47
CA LYS C 99 12.13 -0.36 37.53
C LYS C 99 12.92 -1.57 37.02
N ILE C 100 12.70 -1.90 35.76
CA ILE C 100 13.42 -2.98 35.10
C ILE C 100 14.93 -2.74 34.95
N LEU C 101 15.32 -1.58 34.45
CA LEU C 101 16.75 -1.30 34.29
C LEU C 101 17.48 -1.36 35.61
N LYS C 102 16.85 -0.79 36.63
CA LYS C 102 17.35 -0.90 37.98
C LYS C 102 17.42 -2.37 38.41
N GLN C 103 16.34 -3.12 38.14
CA GLN C 103 16.32 -4.50 38.56
C GLN C 103 17.44 -5.30 37.94
N ILE C 104 17.63 -5.11 36.63
CA ILE C 104 18.72 -5.74 35.92
C ILE C 104 20.07 -5.28 36.45
N ASP C 105 20.21 -3.97 36.59
CA ASP C 105 21.43 -3.41 37.11
C ASP C 105 21.78 -4.13 38.41
N GLY C 106 20.79 -4.42 39.24
CA GLY C 106 21.03 -5.09 40.50
C GLY C 106 21.58 -6.50 40.31
N ILE C 107 20.93 -7.32 39.46
CA ILE C 107 21.30 -8.73 39.32
C ILE C 107 22.65 -9.00 38.62
N VAL C 108 22.85 -8.46 37.42
CA VAL C 108 23.96 -8.86 36.46
C VAL C 108 25.29 -8.31 36.90
N GLY C 109 26.37 -8.80 36.29
CA GLY C 109 27.74 -8.43 36.71
C GLY C 109 28.06 -7.00 36.35
N GLU C 110 29.23 -6.49 36.71
CA GLU C 110 29.58 -5.14 36.23
C GLU C 110 30.04 -5.13 34.75
N ASN C 111 30.43 -6.29 34.21
CA ASN C 111 30.82 -6.44 32.79
C ASN C 111 29.70 -6.25 31.82
N VAL C 112 28.51 -6.71 32.22
CA VAL C 112 27.41 -6.86 31.31
C VAL C 112 26.87 -5.50 30.96
N ILE C 113 26.45 -5.38 29.71
CA ILE C 113 26.00 -4.12 29.20
C ILE C 113 24.52 -4.19 29.30
N ILE C 114 23.94 -3.05 29.61
CA ILE C 114 22.50 -2.94 29.57
C ILE C 114 22.13 -2.08 28.38
N ALA C 115 21.17 -2.57 27.60
CA ALA C 115 20.68 -1.82 26.46
C ALA C 115 19.18 -1.90 26.41
N SER C 116 18.58 -0.88 25.84
CA SER C 116 17.14 -0.70 25.91
C SER C 116 16.60 -0.43 24.55
N ASN C 117 15.61 -1.23 24.17
CA ASN C 117 14.85 -0.87 23.01
C ASN C 117 13.79 0.14 23.39
N THR C 118 13.76 1.25 22.70
CA THR C 118 12.74 2.25 22.97
C THR C 118 12.51 3.06 21.75
N SER C 119 11.25 3.36 21.47
CA SER C 119 10.99 4.07 20.28
C SER C 119 11.22 5.62 20.44
N SER C 120 11.57 6.10 21.64
CA SER C 120 11.84 7.55 21.82
C SER C 120 12.37 8.09 23.17
N ILE C 121 12.31 7.32 24.27
CA ILE C 121 12.83 7.75 25.61
C ILE C 121 14.36 8.13 25.66
N SER C 122 14.73 9.24 26.33
CA SER C 122 16.15 9.67 26.50
C SER C 122 17.05 8.57 27.02
N ILE C 123 18.11 8.29 26.30
CA ILE C 123 18.99 7.21 26.66
C ILE C 123 19.91 7.68 27.78
N THR C 124 20.27 8.95 27.72
CA THR C 124 21.01 9.57 28.80
C THR C 124 20.22 9.59 30.12
N LYS C 125 18.97 10.00 30.04
CA LYS C 125 18.08 9.93 31.18
C LYS C 125 18.00 8.46 31.64
N LEU C 126 17.67 7.51 30.76
CA LEU C 126 17.61 6.09 31.22
C LEU C 126 18.94 5.63 31.87
N ALA C 127 20.05 6.01 31.27
CA ALA C 127 21.35 5.55 31.74
C ALA C 127 21.62 5.98 33.16
N ALA C 128 21.15 7.17 33.52
CA ALA C 128 21.47 7.75 34.82
C ALA C 128 20.77 6.99 35.97
N VAL C 129 19.70 6.28 35.63
CA VAL C 129 19.00 5.50 36.61
C VAL C 129 19.75 4.24 36.96
N THR C 130 20.90 3.97 36.33
CA THR C 130 21.69 2.79 36.66
C THR C 130 23.02 3.23 37.25
N SER C 131 23.73 2.25 37.79
CA SER C 131 25.05 2.46 38.37
C SER C 131 26.12 2.41 37.32
N ARG C 132 25.75 2.53 36.05
CA ARG C 132 26.69 2.14 35.00
C ARG C 132 26.51 2.86 33.70
N ALA C 133 26.13 4.13 33.76
CA ALA C 133 25.69 4.82 32.55
C ALA C 133 26.66 4.57 31.37
N ASP C 134 27.96 4.55 31.67
CA ASP C 134 29.01 4.21 30.68
C ASP C 134 28.83 2.87 29.96
N ARG C 135 28.14 1.91 30.59
CA ARG C 135 27.84 0.62 29.98
C ARG C 135 26.36 0.53 29.65
N PHE C 136 25.73 1.67 29.44
CA PHE C 136 24.34 1.73 29.01
C PHE C 136 24.28 2.28 27.59
N ILE C 137 23.30 1.80 26.84
CA ILE C 137 23.15 2.19 25.46
C ILE C 137 21.76 1.81 24.92
N GLY C 138 21.27 2.61 24.00
CA GLY C 138 20.00 2.34 23.42
C GLY C 138 20.24 1.50 22.21
N MET C 139 19.42 0.47 22.00
CA MET C 139 19.58 -0.44 20.86
C MET C 139 18.19 -0.64 20.30
N HIS C 140 17.84 0.24 19.37
CA HIS C 140 16.49 0.35 18.86
C HIS C 140 16.38 -0.47 17.60
N PHE C 141 15.59 -1.54 17.65
CA PHE C 141 15.36 -2.44 16.51
C PHE C 141 14.01 -2.05 15.94
N PHE C 142 13.57 -2.74 14.88
CA PHE C 142 12.30 -2.38 14.23
C PHE C 142 11.48 -3.54 13.74
N ASN C 143 10.18 -3.44 14.00
CA ASN C 143 9.04 -4.02 13.26
C ASN C 143 9.13 -4.49 11.83
N PRO C 144 9.01 -5.79 11.53
CA PRO C 144 9.34 -7.01 12.23
C PRO C 144 10.83 -7.08 12.42
N VAL C 145 11.31 -7.28 13.63
CA VAL C 145 12.76 -7.35 13.84
C VAL C 145 13.48 -8.45 13.07
N PRO C 146 12.90 -9.65 12.95
CA PRO C 146 13.73 -10.65 12.23
C PRO C 146 14.00 -10.25 10.77
N VAL C 147 13.24 -9.27 10.29
CA VAL C 147 13.30 -8.88 8.92
C VAL C 147 13.93 -7.52 8.73
N MET C 148 13.60 -6.52 9.54
CA MET C 148 14.20 -5.19 9.30
C MET C 148 15.69 -5.17 9.63
N ALA C 149 16.49 -4.58 8.75
CA ALA C 149 17.95 -4.66 8.86
C ALA C 149 18.57 -3.63 9.80
N LEU C 150 17.88 -2.53 9.97
CA LEU C 150 18.43 -1.39 10.66
C LEU C 150 18.45 -1.63 12.16
N VAL C 151 19.52 -1.14 12.78
CA VAL C 151 19.60 -1.06 14.25
C VAL C 151 20.05 0.36 14.62
N GLU C 152 19.14 1.13 15.24
CA GLU C 152 19.48 2.47 15.73
C GLU C 152 20.17 2.35 17.09
N LEU C 153 21.50 2.53 17.10
CA LEU C 153 22.29 2.59 18.33
C LEU C 153 22.38 4.03 18.81
N ILE C 154 21.91 4.27 20.02
CA ILE C 154 21.84 5.64 20.50
C ILE C 154 22.76 5.74 21.70
N ARG C 155 23.82 6.51 21.55
CA ARG C 155 24.66 6.82 22.67
C ARG C 155 24.01 7.89 23.52
N GLY C 156 23.92 7.61 24.81
CA GLY C 156 23.73 8.68 25.76
C GLY C 156 25.07 9.33 25.97
N LEU C 157 25.07 10.47 26.67
CA LEU C 157 26.31 11.20 26.95
C LEU C 157 27.34 10.39 27.69
N GLN C 158 26.90 9.41 28.46
CA GLN C 158 27.79 8.67 29.36
C GLN C 158 28.37 7.44 28.71
N THR C 159 27.66 6.87 27.72
CA THR C 159 28.07 5.66 27.00
C THR C 159 29.50 5.71 26.53
N SER C 160 30.30 4.69 26.80
CA SER C 160 31.71 4.69 26.36
C SER C 160 31.91 4.14 24.97
N ASP C 161 33.06 4.45 24.39
CA ASP C 161 33.40 3.91 23.09
C ASP C 161 33.40 2.38 23.11
N THR C 162 33.89 1.80 24.21
CA THR C 162 33.97 0.35 24.33
C THR C 162 32.60 -0.34 24.24
N THR C 163 31.64 0.29 24.89
CA THR C 163 30.30 -0.23 24.98
C THR C 163 29.75 -0.11 23.57
N HIS C 164 29.97 1.06 23.00
CA HIS C 164 29.53 1.31 21.66
C HIS C 164 30.08 0.22 20.74
N ALA C 165 31.39 0.07 20.76
CA ALA C 165 32.04 -0.91 19.92
C ALA C 165 31.32 -2.26 19.98
N ALA C 166 31.10 -2.74 21.18
CA ALA C 166 30.64 -4.08 21.35
C ALA C 166 29.32 -4.28 20.69
N VAL C 167 28.55 -3.22 20.67
CA VAL C 167 27.16 -3.30 20.29
C VAL C 167 27.01 -3.06 18.79
N GLU C 168 27.87 -2.22 18.23
CA GLU C 168 28.06 -2.21 16.78
C GLU C 168 28.32 -3.64 16.26
N ALA C 169 29.31 -4.30 16.85
CA ALA C 169 29.70 -5.67 16.52
C ALA C 169 28.55 -6.66 16.62
N LEU C 170 27.76 -6.52 17.66
CA LEU C 170 26.64 -7.40 17.85
C LEU C 170 25.64 -7.18 16.73
N SER C 171 25.45 -5.94 16.32
CA SER C 171 24.50 -5.64 15.26
C SER C 171 24.93 -6.30 13.97
N LYS C 172 26.24 -6.28 13.74
CA LYS C 172 26.79 -6.92 12.56
C LYS C 172 26.66 -8.43 12.67
N GLN C 173 27.14 -8.99 13.77
CA GLN C 173 26.93 -10.40 14.06
C GLN C 173 25.50 -10.77 13.73
N LEU C 174 24.56 -9.85 13.99
CA LEU C 174 23.17 -10.13 13.71
C LEU C 174 22.83 -10.01 12.24
N GLY C 175 23.82 -9.71 11.42
CA GLY C 175 23.57 -9.35 10.04
C GLY C 175 22.83 -8.02 9.86
N LYS C 176 22.79 -7.19 10.91
CA LYS C 176 22.06 -5.92 10.83
C LYS C 176 23.01 -4.76 10.56
N TYR C 177 22.43 -3.74 9.95
CA TYR C 177 23.12 -2.51 9.66
C TYR C 177 22.98 -1.56 10.83
N PRO C 178 24.09 -1.35 11.56
CA PRO C 178 24.05 -0.47 12.71
C PRO C 178 24.27 0.96 12.28
N ILE C 179 23.71 1.89 13.02
CA ILE C 179 23.80 3.31 12.70
C ILE C 179 23.89 3.99 14.05
N THR C 180 24.85 4.88 14.22
CA THR C 180 25.09 5.52 15.53
C THR C 180 24.51 6.95 15.64
N VAL C 181 23.49 7.09 16.48
CA VAL C 181 22.78 8.35 16.78
C VAL C 181 23.16 9.02 18.13
N LYS C 182 23.38 10.32 18.11
CA LYS C 182 23.58 11.08 19.35
C LYS C 182 22.20 11.28 20.00
N ASN C 183 22.10 11.08 21.32
CA ASN C 183 20.81 10.96 21.94
C ASN C 183 19.99 12.24 21.80
N SER C 184 18.78 12.07 21.34
CA SER C 184 17.91 13.15 21.20
C SER C 184 16.51 12.59 21.00
N PRO C 185 15.50 13.46 21.19
CA PRO C 185 14.13 13.01 21.24
C PRO C 185 13.76 12.40 19.93
N GLY C 186 13.27 11.16 19.99
CA GLY C 186 12.94 10.35 18.79
C GLY C 186 14.12 9.86 17.96
N PHE C 187 15.34 10.13 18.44
CA PHE C 187 16.55 9.76 17.74
C PHE C 187 16.51 10.26 16.28
N VAL C 188 16.78 9.37 15.32
CA VAL C 188 16.80 9.72 13.92
C VAL C 188 15.57 9.30 13.16
N VAL C 189 15.22 8.03 13.26
CA VAL C 189 14.17 7.48 12.40
C VAL C 189 12.78 8.05 12.72
N ASN C 190 12.30 7.81 13.94
CA ASN C 190 10.93 8.20 14.35
C ASN C 190 10.83 9.73 14.35
N ARG C 191 11.96 10.31 14.75
CA ARG C 191 12.15 11.72 14.76
C ARG C 191 11.82 12.38 13.43
N ILE C 192 12.26 11.74 12.34
CA ILE C 192 11.87 12.17 10.97
C ILE C 192 10.50 11.56 10.55
N LEU C 193 10.21 10.35 10.96
CA LEU C 193 9.10 9.62 10.39
C LEU C 193 7.74 9.94 10.99
N CYS C 194 7.71 9.98 12.32
CA CYS C 194 6.47 10.11 13.03
C CYS C 194 5.83 11.45 12.77
N PRO C 195 6.61 12.55 12.88
CA PRO C 195 6.02 13.84 12.52
C PRO C 195 5.44 13.83 11.12
N MET C 196 6.10 13.12 10.22
CA MET C 196 5.50 12.94 8.90
C MET C 196 4.10 12.30 9.06
N ILE C 197 4.03 11.22 9.82
CA ILE C 197 2.76 10.53 9.97
C ILE C 197 1.77 11.47 10.61
N ASN C 198 2.29 12.23 11.56
CA ASN C 198 1.49 13.25 12.19
C ASN C 198 0.86 14.22 11.15
N GLU C 199 1.68 14.63 10.19
CA GLU C 199 1.21 15.61 9.27
C GLU C 199 0.13 15.02 8.41
N ALA C 200 0.17 13.71 8.19
CA ALA C 200 -0.89 13.07 7.45
C ALA C 200 -2.18 13.27 8.18
N PHE C 201 -2.11 13.11 9.49
CA PHE C 201 -3.31 13.26 10.28
C PHE C 201 -3.82 14.69 10.22
N CYS C 202 -2.92 15.68 10.35
CA CYS C 202 -3.38 17.05 10.26
C CYS C 202 -4.13 17.24 8.97
N VAL C 203 -3.57 16.70 7.91
CA VAL C 203 -4.14 16.87 6.62
C VAL C 203 -5.54 16.25 6.59
N LEU C 204 -5.62 14.99 7.07
CA LEU C 204 -6.86 14.24 7.11
C LEU C 204 -7.88 14.98 7.93
N GLY C 205 -7.43 15.46 9.07
CA GLY C 205 -8.27 16.22 9.95
C GLY C 205 -8.61 17.57 9.39
N GLU C 206 -7.78 18.11 8.51
CA GLU C 206 -8.11 19.37 7.86
C GLU C 206 -9.14 19.22 6.72
N GLY C 207 -9.55 17.98 6.40
CA GLY C 207 -10.56 17.71 5.36
C GLY C 207 -10.10 17.97 3.92
N LEU C 208 -8.78 17.88 3.71
CA LEU C 208 -8.21 18.16 2.40
C LEU C 208 -8.43 17.03 1.41
N ALA C 209 -8.60 15.80 1.92
CA ALA C 209 -8.66 14.62 1.08
C ALA C 209 -8.88 13.35 1.88
N SER C 210 -9.53 12.37 1.29
CA SER C 210 -9.79 11.09 1.98
C SER C 210 -8.48 10.34 2.39
N PRO C 211 -8.56 9.48 3.43
CA PRO C 211 -7.36 8.76 3.86
C PRO C 211 -6.74 7.91 2.76
N GLU C 212 -7.60 7.32 1.94
CA GLU C 212 -7.16 6.47 0.83
C GLU C 212 -6.30 7.29 -0.11
N GLU C 213 -6.80 8.48 -0.41
CA GLU C 213 -6.13 9.39 -1.28
C GLU C 213 -4.85 9.97 -0.68
N ILE C 214 -4.85 10.31 0.61
CA ILE C 214 -3.61 10.67 1.30
C ILE C 214 -2.56 9.56 1.11
N ASP C 215 -2.98 8.30 1.28
CA ASP C 215 -2.09 7.15 1.29
C ASP C 215 -1.56 6.82 -0.09
N GLU C 216 -2.46 6.87 -1.07
CA GLU C 216 -2.07 6.72 -2.49
C GLU C 216 -1.06 7.79 -2.90
N GLY C 217 -1.42 9.07 -2.70
CA GLY C 217 -0.45 10.16 -2.75
C GLY C 217 0.99 9.77 -2.40
N MET C 218 1.17 9.14 -1.24
CA MET C 218 2.51 8.84 -0.76
C MET C 218 3.18 7.64 -1.43
N LYS C 219 2.38 6.62 -1.74
CA LYS C 219 2.89 5.42 -2.38
C LYS C 219 3.29 5.79 -3.79
N LEU C 220 2.34 6.36 -4.50
CA LEU C 220 2.54 6.64 -5.90
C LEU C 220 3.50 7.80 -5.99
N GLY C 221 3.15 8.90 -5.35
CA GLY C 221 3.94 10.13 -5.47
C GLY C 221 5.39 10.04 -5.04
N CYS C 222 5.71 9.18 -4.08
CA CYS C 222 7.08 9.09 -3.59
C CYS C 222 7.55 7.66 -3.43
N ASN C 223 6.73 6.74 -3.95
CA ASN C 223 7.05 5.31 -3.94
C ASN C 223 7.31 4.81 -2.53
N HIS C 224 6.50 5.31 -1.61
CA HIS C 224 6.48 4.81 -0.25
C HIS C 224 5.84 3.44 -0.28
N PRO C 225 6.49 2.47 0.38
CA PRO C 225 5.95 1.13 0.34
C PRO C 225 4.52 1.07 0.88
N ILE C 226 4.20 1.94 1.84
CA ILE C 226 2.89 1.99 2.49
C ILE C 226 2.52 3.41 2.92
N GLY C 227 1.26 3.80 2.74
CA GLY C 227 0.82 5.17 3.03
C GLY C 227 0.68 5.46 4.53
N PRO C 228 1.08 6.68 4.96
CA PRO C 228 1.29 7.02 6.37
C PRO C 228 0.14 6.63 7.31
N LEU C 229 -1.09 6.88 6.90
CA LEU C 229 -2.23 6.53 7.71
C LEU C 229 -2.29 5.02 7.89
N ALA C 230 -2.25 4.26 6.80
CA ALA C 230 -2.17 2.81 6.90
C ALA C 230 -0.96 2.38 7.74
N LEU C 231 0.12 3.13 7.64
CA LEU C 231 1.28 2.82 8.44
C LEU C 231 0.89 3.04 9.90
N ALA C 232 0.28 4.18 10.22
CA ALA C 232 -0.06 4.48 11.60
C ALA C 232 -0.85 3.35 12.23
N ASP C 233 -2.00 3.01 11.61
CA ASP C 233 -2.87 1.92 12.09
C ASP C 233 -2.03 0.66 12.40
N MET C 234 -1.00 0.40 11.59
CA MET C 234 -0.04 -0.73 11.83
C MET C 234 0.86 -0.57 13.05
N ILE C 235 1.48 0.61 13.25
CA ILE C 235 2.41 0.75 14.37
C ILE C 235 1.66 0.90 15.69
N GLY C 236 0.44 1.44 15.60
CA GLY C 236 -0.40 1.72 16.77
C GLY C 236 -0.63 3.22 16.93
N LEU C 237 -1.86 3.69 16.73
CA LEU C 237 -2.13 5.12 16.88
C LEU C 237 -1.70 5.63 18.25
N ASP C 238 -1.85 4.78 19.26
CA ASP C 238 -1.41 5.13 20.61
C ASP C 238 0.11 5.23 20.72
N THR C 239 0.84 4.45 19.93
CA THR C 239 2.30 4.48 20.03
C THR C 239 2.81 5.70 19.29
N MET C 240 2.01 6.15 18.32
CA MET C 240 2.35 7.28 17.50
C MET C 240 2.20 8.51 18.33
N LEU C 241 1.05 8.56 19.01
CA LEU C 241 0.73 9.64 19.94
C LEU C 241 1.79 9.76 21.00
N ALA C 242 2.12 8.63 21.60
CA ALA C 242 3.17 8.60 22.62
C ALA C 242 4.37 9.37 22.14
N VAL C 243 4.85 8.99 20.96
CA VAL C 243 6.07 9.55 20.40
C VAL C 243 5.95 11.06 20.19
N MET C 244 4.82 11.49 19.65
CA MET C 244 4.65 12.89 19.41
C MET C 244 4.67 13.61 20.72
N GLU C 245 4.01 13.02 21.71
CA GLU C 245 4.02 13.60 23.03
C GLU C 245 5.43 13.71 23.56
N VAL C 246 6.26 12.72 23.29
CA VAL C 246 7.62 12.75 23.81
C VAL C 246 8.38 13.90 23.16
N LEU C 247 8.11 14.12 21.90
CA LEU C 247 8.83 15.15 21.19
C LEU C 247 8.42 16.55 21.70
N TYR C 248 7.11 16.78 21.73
CA TYR C 248 6.55 18.05 22.19
C TYR C 248 7.12 18.42 23.54
N THR C 249 7.14 17.44 24.41
CA THR C 249 7.55 17.66 25.78
C THR C 249 9.04 17.82 25.92
N GLU C 250 9.79 16.90 25.33
CA GLU C 250 11.21 16.93 25.47
C GLU C 250 11.77 18.17 24.82
N PHE C 251 11.30 18.47 23.60
CA PHE C 251 11.71 19.70 22.90
C PHE C 251 11.01 20.94 23.49
N ALA C 252 9.81 20.76 24.03
CA ALA C 252 9.04 21.88 24.52
C ALA C 252 8.70 22.81 23.33
N ASP C 253 8.25 22.22 22.22
CA ASP C 253 8.05 22.94 20.97
C ASP C 253 6.78 22.47 20.23
N PRO C 254 5.77 23.38 20.13
CA PRO C 254 4.48 23.06 19.51
C PRO C 254 4.58 22.62 18.08
N LYS C 255 5.77 22.75 17.50
CA LYS C 255 6.05 22.13 16.21
C LYS C 255 5.65 20.65 16.19
N TYR C 256 5.90 19.96 17.29
CA TYR C 256 5.58 18.57 17.41
C TYR C 256 4.25 18.33 18.09
N ARG C 257 3.41 19.37 18.16
CA ARG C 257 2.07 19.22 18.74
C ARG C 257 1.39 18.03 18.07
N PRO C 258 0.87 17.10 18.84
CA PRO C 258 0.12 16.08 18.11
C PRO C 258 -1.12 16.60 17.38
N ALA C 259 -1.38 15.99 16.22
CA ALA C 259 -2.66 16.11 15.53
C ALA C 259 -3.88 15.80 16.39
N MET C 260 -4.79 16.75 16.43
CA MET C 260 -6.01 16.58 17.20
C MET C 260 -6.71 15.28 16.85
N LEU C 261 -6.81 15.00 15.56
CA LEU C 261 -7.58 13.85 15.18
C LEU C 261 -6.86 12.56 15.54
N MET C 262 -5.57 12.62 15.82
CA MET C 262 -4.86 11.46 16.37
C MET C 262 -5.30 11.26 17.80
N ARG C 263 -5.35 12.37 18.53
CA ARG C 263 -5.71 12.33 19.93
C ARG C 263 -7.12 11.77 20.08
N GLU C 264 -8.05 12.21 19.23
CA GLU C 264 -9.42 11.69 19.23
C GLU C 264 -9.48 10.19 19.09
N MET C 265 -8.86 9.67 18.03
CA MET C 265 -8.98 8.26 17.75
C MET C 265 -8.52 7.46 18.95
N VAL C 266 -7.31 7.75 19.39
CA VAL C 266 -6.73 7.09 20.56
C VAL C 266 -7.71 7.08 21.74
N ALA C 267 -8.37 8.19 21.97
CA ALA C 267 -9.33 8.31 23.07
C ALA C 267 -10.57 7.41 22.84
N ALA C 268 -10.91 7.22 21.59
CA ALA C 268 -12.01 6.34 21.24
C ALA C 268 -11.65 4.88 21.36
N GLY C 269 -10.38 4.57 21.65
CA GLY C 269 -9.94 3.21 21.64
C GLY C 269 -9.63 2.71 20.24
N TYR C 270 -9.75 3.60 19.25
CA TYR C 270 -9.47 3.23 17.87
C TYR C 270 -7.98 3.29 17.68
N LEU C 271 -7.30 2.22 18.06
CA LEU C 271 -5.83 2.18 18.08
C LEU C 271 -5.16 1.56 16.84
N GLY C 272 -5.93 1.37 15.77
CA GLY C 272 -5.42 0.80 14.55
C GLY C 272 -5.77 -0.67 14.47
N ARG C 273 -4.78 -1.48 14.10
CA ARG C 273 -5.02 -2.87 13.77
C ARG C 273 -5.33 -3.67 15.02
N LYS C 274 -4.36 -3.74 15.94
CA LYS C 274 -4.53 -4.36 17.26
C LYS C 274 -5.93 -4.30 17.91
N THR C 275 -6.76 -3.30 17.56
CA THR C 275 -8.17 -3.23 18.02
C THR C 275 -9.20 -3.31 16.86
N GLY C 276 -8.68 -3.60 15.67
CA GLY C 276 -9.49 -3.55 14.47
C GLY C 276 -10.08 -2.19 14.09
N ARG C 277 -9.53 -1.10 14.59
CA ARG C 277 -9.96 0.19 14.07
C ARG C 277 -8.94 1.25 14.37
N GLY C 278 -8.82 2.17 13.42
CA GLY C 278 -7.98 3.34 13.60
C GLY C 278 -8.40 4.33 12.54
N VAL C 279 -7.58 4.47 11.50
CA VAL C 279 -7.95 5.32 10.39
C VAL C 279 -8.94 4.53 9.52
N TYR C 280 -8.56 3.30 9.17
CA TYR C 280 -9.44 2.37 8.47
C TYR C 280 -9.88 1.28 9.43
N VAL C 281 -10.82 0.46 8.96
CA VAL C 281 -11.37 -0.69 9.72
C VAL C 281 -10.69 -2.01 9.34
N TYR C 282 -10.54 -2.88 10.33
CA TYR C 282 -9.89 -4.18 10.13
C TYR C 282 -10.86 -5.25 10.66
N SER C 283 -10.47 -6.53 10.67
CA SER C 283 -11.42 -7.62 11.00
C SER C 283 -11.63 -7.74 12.53
N LYS C 284 -12.63 -8.56 12.91
CA LYS C 284 -12.98 -8.84 14.33
C LYS C 284 -13.70 -7.65 14.96
#